data_4R4A
# 
_entry.id   4R4A 
# 
_audit_conform.dict_name       mmcif_pdbx.dic 
_audit_conform.dict_version    5.379 
_audit_conform.dict_location   http://mmcif.pdb.org/dictionaries/ascii/mmcif_pdbx.dic 
# 
loop_
_database_2.database_id 
_database_2.database_code 
_database_2.pdbx_database_accession 
_database_2.pdbx_DOI 
PDB   4R4A         pdb_00004r4a 10.2210/pdb4r4a/pdb 
NDB   NA3150       ?            ?                   
RCSB  RCSB086880   ?            ?                   
WWPDB D_1000086880 ?            ?                   
# 
loop_
_pdbx_database_related.db_name 
_pdbx_database_related.db_id 
_pdbx_database_related.details 
_pdbx_database_related.content_type 
PDB 4R44 'Racemic crystal structure of a tetramolecular DNA G-quadruplex'      unspecified 
PDB 4R45 'Racemic crystal structure of a bimolecular DNA G-quadruplex (P-1)'   unspecified 
PDB 4R47 'Racemic crystal structure of a bimolecular DNA G-quadruplex (P21/n)' unspecified 
PDB 4R48 'Racemic crystal structure of a calcium-bound DNA four-way junction'  unspecified 
PDB 4R49 'Racemic crystal structure of a calcium-bound B-DNA duplex'           unspecified 
PDB 4R4D 'Racemic crystal structure of a magnesium-bound B-DNA duplex'         unspecified 
# 
_pdbx_database_status.status_code                     REL 
_pdbx_database_status.entry_id                        4R4A 
_pdbx_database_status.recvd_initial_deposition_date   2014-08-19 
_pdbx_database_status.deposit_site                    RCSB 
_pdbx_database_status.process_site                    RCSB 
_pdbx_database_status.status_code_sf                  REL 
_pdbx_database_status.status_code_mr                  ? 
_pdbx_database_status.SG_entry                        ? 
_pdbx_database_status.status_code_cs                  ? 
_pdbx_database_status.methods_development_category    ? 
_pdbx_database_status.pdb_format_compatible           Y 
_pdbx_database_status.status_code_nmr_data            ? 
# 
loop_
_audit_author.name 
_audit_author.pdbx_ordinal 
'Mandal, P.K.'  1 
'Collie, G.W.'  2 
'Kauffmann, B.' 3 
'Huc, I.'       4 
# 
_citation.id                        primary 
_citation.title                     'Racemic DNA crystallography.' 
_citation.journal_abbrev            Angew.Chem.Int.Ed.Engl. 
_citation.journal_volume            53 
_citation.page_first                14424 
_citation.page_last                 14427 
_citation.year                      2014 
_citation.journal_id_ASTM           ? 
_citation.country                   GE 
_citation.journal_id_ISSN           1433-7851 
_citation.journal_id_CSD            9999 
_citation.book_publisher            ? 
_citation.pdbx_database_id_PubMed   25358289 
_citation.pdbx_database_id_DOI      10.1002/anie.201409014 
# 
loop_
_citation_author.citation_id 
_citation_author.name 
_citation_author.ordinal 
_citation_author.identifier_ORCID 
primary 'Mandal, P.K.'  1 ? 
primary 'Collie, G.W.'  2 ? 
primary 'Kauffmann, B.' 3 ? 
primary 'Huc, I.'       4 ? 
# 
_cell.entry_id           4R4A 
_cell.length_a           26.286 
_cell.length_b           32.352 
_cell.length_c           33.500 
_cell.angle_alpha        62.25 
_cell.angle_beta         73.14 
_cell.angle_gamma        68.56 
_cell.Z_PDB              4 
_cell.pdbx_unique_axis   ? 
_cell.length_a_esd       ? 
_cell.length_b_esd       ? 
_cell.length_c_esd       ? 
_cell.angle_alpha_esd    ? 
_cell.angle_beta_esd     ? 
_cell.angle_gamma_esd    ? 
# 
_symmetry.entry_id                         4R4A 
_symmetry.space_group_name_H-M             'P -1' 
_symmetry.pdbx_full_space_group_name_H-M   ? 
_symmetry.cell_setting                     ? 
_symmetry.Int_Tables_number                2 
_symmetry.space_group_name_Hall            ? 
# 
loop_
_entity.id 
_entity.type 
_entity.src_method 
_entity.pdbx_description 
_entity.formula_weight 
_entity.pdbx_number_of_molecules 
_entity.pdbx_ec 
_entity.pdbx_mutation 
_entity.pdbx_fragment 
_entity.details 
1 polymer     syn "5'-D(*CP*CP*GP*GP*TP*AP*CP*CP*GP*G)-3'" 3045.992 2   ? ? ? 'B-DNA duplex' 
2 non-polymer syn 'COBALT (II) ION'                        58.933   5   ? ? ? ?              
3 non-polymer syn SPERMINE                                 202.340  1   ? ? ? ?              
4 water       nat water                                    18.015   109 ? ? ? ?              
# 
_entity_poly.entity_id                      1 
_entity_poly.type                           polydeoxyribonucleotide 
_entity_poly.nstd_linkage                   no 
_entity_poly.nstd_monomer                   no 
_entity_poly.pdbx_seq_one_letter_code       '(DC)(DC)(DG)(DG)(DT)(DA)(DC)(DC)(DG)(DG)' 
_entity_poly.pdbx_seq_one_letter_code_can   CCGGTACCGG 
_entity_poly.pdbx_strand_id                 A,B 
_entity_poly.pdbx_target_identifier         ? 
# 
loop_
_entity_poly_seq.entity_id 
_entity_poly_seq.num 
_entity_poly_seq.mon_id 
_entity_poly_seq.hetero 
1 1  DC n 
1 2  DC n 
1 3  DG n 
1 4  DG n 
1 5  DT n 
1 6  DA n 
1 7  DC n 
1 8  DC n 
1 9  DG n 
1 10 DG n 
# 
_pdbx_entity_src_syn.entity_id              1 
_pdbx_entity_src_syn.pdbx_src_id            1 
_pdbx_entity_src_syn.pdbx_alt_source_flag   sample 
_pdbx_entity_src_syn.pdbx_beg_seq_num       ? 
_pdbx_entity_src_syn.pdbx_end_seq_num       ? 
_pdbx_entity_src_syn.organism_scientific    'synthetic construct' 
_pdbx_entity_src_syn.organism_common_name   ? 
_pdbx_entity_src_syn.ncbi_taxonomy_id       32630 
_pdbx_entity_src_syn.details                ? 
# 
_struct_ref.id                         1 
_struct_ref.db_name                    PDB 
_struct_ref.db_code                    4R4A 
_struct_ref.pdbx_db_accession          4R4A 
_struct_ref.entity_id                  1 
_struct_ref.pdbx_align_begin           1 
_struct_ref.pdbx_seq_one_letter_code   CCGGTACCGG 
_struct_ref.pdbx_db_isoform            ? 
# 
loop_
_struct_ref_seq.align_id 
_struct_ref_seq.ref_id 
_struct_ref_seq.pdbx_PDB_id_code 
_struct_ref_seq.pdbx_strand_id 
_struct_ref_seq.seq_align_beg 
_struct_ref_seq.pdbx_seq_align_beg_ins_code 
_struct_ref_seq.seq_align_end 
_struct_ref_seq.pdbx_seq_align_end_ins_code 
_struct_ref_seq.pdbx_db_accession 
_struct_ref_seq.db_align_beg 
_struct_ref_seq.pdbx_db_align_beg_ins_code 
_struct_ref_seq.db_align_end 
_struct_ref_seq.pdbx_db_align_end_ins_code 
_struct_ref_seq.pdbx_auth_seq_align_beg 
_struct_ref_seq.pdbx_auth_seq_align_end 
1 1 4R4A A 1 ? 10 ? 4R4A 1 ? 10 ? 1 10 
2 1 4R4A B 1 ? 10 ? 4R4A 1 ? 10 ? 1 10 
# 
loop_
_chem_comp.id 
_chem_comp.type 
_chem_comp.mon_nstd_flag 
_chem_comp.name 
_chem_comp.pdbx_synonyms 
_chem_comp.formula 
_chem_comp.formula_weight 
CO  non-polymer   . 'COBALT (II) ION'                    ? 'Co 2'            58.933  
DA  'DNA linking' y "2'-DEOXYADENOSINE-5'-MONOPHOSPHATE" ? 'C10 H14 N5 O6 P' 331.222 
DC  'DNA linking' y "2'-DEOXYCYTIDINE-5'-MONOPHOSPHATE"  ? 'C9 H14 N3 O7 P'  307.197 
DG  'DNA linking' y "2'-DEOXYGUANOSINE-5'-MONOPHOSPHATE" ? 'C10 H14 N5 O7 P' 347.221 
DT  'DNA linking' y "THYMIDINE-5'-MONOPHOSPHATE"         ? 'C10 H15 N2 O8 P' 322.208 
HOH non-polymer   . WATER                                ? 'H2 O'            18.015  
SPM non-polymer   . SPERMINE                             ? 'C10 H26 N4'      202.340 
# 
_exptl.entry_id          4R4A 
_exptl.method            'X-RAY DIFFRACTION' 
_exptl.crystals_number   1 
# 
_exptl_crystal.id                    1 
_exptl_crystal.density_meas          ? 
_exptl_crystal.density_Matthews      1.91 
_exptl_crystal.density_percent_sol   35.45 
_exptl_crystal.description           ? 
_exptl_crystal.F_000                 ? 
_exptl_crystal.preparation           ? 
# 
_exptl_crystal_grow.crystal_id      1 
_exptl_crystal_grow.method          'VAPOR DIFFUSION, HANGING DROP' 
_exptl_crystal_grow.temp            293 
_exptl_crystal_grow.temp_details    ? 
_exptl_crystal_grow.pH              7.0 
_exptl_crystal_grow.pdbx_details    
;0.5 mM L,D-CCGGTACCGG, 75 mM sodium cacodylate, 10 mM cobalt chloride, 1 mM spermine, 40% v/v MPD, pH 7.0, VAPOR DIFFUSION, HANGING DROP, temperature 293K
;
_exptl_crystal_grow.pdbx_pH_range   ? 
# 
_diffrn.id                     1 
_diffrn.ambient_temp           100 
_diffrn.ambient_temp_details   ? 
_diffrn.crystal_id             1 
# 
_diffrn_detector.diffrn_id              1 
_diffrn_detector.detector               PIXEL 
_diffrn_detector.type                   'DECTRIS PILATUS 6M' 
_diffrn_detector.pdbx_collection_date   2014-06-05 
_diffrn_detector.details                ? 
# 
_diffrn_radiation.diffrn_id                        1 
_diffrn_radiation.wavelength_id                    1 
_diffrn_radiation.pdbx_monochromatic_or_laue_m_l   M 
_diffrn_radiation.monochromator                    'Si(111) channel' 
_diffrn_radiation.pdbx_diffrn_protocol             'SINGLE WAVELENGTH' 
_diffrn_radiation.pdbx_scattering_type             x-ray 
# 
_diffrn_radiation_wavelength.id           1 
_diffrn_radiation_wavelength.wavelength   0.9998 
_diffrn_radiation_wavelength.wt           1.0 
# 
_diffrn_source.diffrn_id                   1 
_diffrn_source.source                      SYNCHROTRON 
_diffrn_source.type                        'SOLEIL BEAMLINE PROXIMA 1' 
_diffrn_source.pdbx_synchrotron_site       SOLEIL 
_diffrn_source.pdbx_synchrotron_beamline   'PROXIMA 1' 
_diffrn_source.pdbx_wavelength             ? 
_diffrn_source.pdbx_wavelength_list        0.9998 
# 
_reflns.entry_id                     4R4A 
_reflns.observed_criterion_sigma_I   2.0 
_reflns.observed_criterion_sigma_F   2.0 
_reflns.d_resolution_low             29.33 
_reflns.d_resolution_high            1.49 
_reflns.number_obs                   14025 
_reflns.number_all                   14705 
_reflns.percent_possible_obs         95.38 
_reflns.pdbx_Rmerge_I_obs            0.0480 
_reflns.pdbx_Rsym_value              ? 
_reflns.pdbx_netI_over_sigmaI        10.81 
_reflns.B_iso_Wilson_estimate        48.09 
_reflns.pdbx_redundancy              1.9 
_reflns.R_free_details               ? 
_reflns.limit_h_max                  ? 
_reflns.limit_h_min                  ? 
_reflns.limit_k_max                  ? 
_reflns.limit_k_min                  ? 
_reflns.limit_l_max                  ? 
_reflns.limit_l_min                  ? 
_reflns.observed_criterion_F_max     ? 
_reflns.observed_criterion_F_min     ? 
_reflns.pdbx_chi_squared             ? 
_reflns.pdbx_scaling_rejects         ? 
_reflns.pdbx_ordinal                 1 
_reflns.pdbx_diffrn_id               1 
# 
_reflns_shell.d_res_high             1.49 
_reflns_shell.d_res_low              1.54 
_reflns_shell.percent_possible_all   89.57 
_reflns_shell.Rmerge_I_obs           ? 
_reflns_shell.pdbx_Rsym_value        ? 
_reflns_shell.meanI_over_sigI_obs    ? 
_reflns_shell.pdbx_redundancy        ? 
_reflns_shell.percent_possible_obs   ? 
_reflns_shell.number_unique_all      ? 
_reflns_shell.number_measured_all    ? 
_reflns_shell.number_measured_obs    ? 
_reflns_shell.number_unique_obs      ? 
_reflns_shell.pdbx_chi_squared       ? 
_reflns_shell.pdbx_ordinal           1 
_reflns_shell.pdbx_diffrn_id         1 
# 
_refine.entry_id                                 4R4A 
_refine.ls_number_reflns_obs                     13328 
_refine.ls_number_reflns_all                     ? 
_refine.pdbx_ls_sigma_I                          ? 
_refine.pdbx_ls_sigma_F                          ? 
_refine.pdbx_data_cutoff_high_absF               ? 
_refine.pdbx_data_cutoff_low_absF                ? 
_refine.pdbx_data_cutoff_high_rms_absF           ? 
_refine.ls_d_res_low                             29.33 
_refine.ls_d_res_high                            1.49 
_refine.ls_percent_reflns_obs                    95.37 
_refine.ls_R_factor_obs                          0.21008 
_refine.ls_R_factor_all                          ? 
_refine.ls_R_factor_R_work                       0.20885 
_refine.ls_R_factor_R_free                       0.23257 
_refine.ls_R_factor_R_free_error                 ? 
_refine.ls_R_factor_R_free_error_details         ? 
_refine.ls_percent_reflns_R_free                 5.0 
_refine.ls_number_reflns_R_free                  697 
_refine.ls_number_parameters                     ? 
_refine.ls_number_restraints                     ? 
_refine.occupancy_min                            ? 
_refine.occupancy_max                            ? 
_refine.correlation_coeff_Fo_to_Fc               0.957 
_refine.correlation_coeff_Fo_to_Fc_free          0.949 
_refine.B_iso_mean                               12.445 
_refine.aniso_B[1][1]                            0.28 
_refine.aniso_B[2][2]                            -0.04 
_refine.aniso_B[3][3]                            -0.06 
_refine.aniso_B[1][2]                            0.12 
_refine.aniso_B[1][3]                            -0.19 
_refine.aniso_B[2][3]                            0.13 
_refine.solvent_model_details                    MASK 
_refine.solvent_model_param_ksol                 ? 
_refine.solvent_model_param_bsol                 ? 
_refine.pdbx_solvent_vdw_probe_radii             1.20 
_refine.pdbx_solvent_ion_probe_radii             0.80 
_refine.pdbx_solvent_shrinkage_radii             0.80 
_refine.pdbx_ls_cross_valid_method               THROUGHOUT 
_refine.details                                  ? 
_refine.pdbx_starting_model                      'PDB ENTRY 3R86' 
_refine.pdbx_method_to_determine_struct          'MOLECULAR REPLACEMENT' 
_refine.pdbx_isotropic_thermal_model             ? 
_refine.pdbx_stereochemistry_target_values       'MAXIMUM LIKELIHOOD' 
_refine.pdbx_stereochem_target_val_spec_case     ? 
_refine.pdbx_R_Free_selection_details            RANDOM 
_refine.pdbx_overall_ESU_R_Free                  0.074 
_refine.overall_SU_ML                            0.032 
_refine.overall_SU_B                             0.839 
_refine.overall_SU_R_Cruickshank_DPI             ? 
_refine.ls_redundancy_reflns_obs                 ? 
_refine.B_iso_min                                ? 
_refine.B_iso_max                                ? 
_refine.overall_SU_R_free                        ? 
_refine.ls_wR_factor_R_free                      ? 
_refine.ls_wR_factor_R_work                      ? 
_refine.overall_FOM_free_R_set                   ? 
_refine.overall_FOM_work_R_set                   ? 
_refine.pdbx_overall_ESU_R                       ? 
_refine.pdbx_overall_phase_error                 ? 
_refine.pdbx_diffrn_id                           1 
_refine.pdbx_refine_id                           'X-RAY DIFFRACTION' 
_refine.pdbx_TLS_residual_ADP_flag               ? 
_refine.pdbx_overall_SU_R_free_Cruickshank_DPI   ? 
_refine.pdbx_overall_SU_R_Blow_DPI               ? 
_refine.pdbx_overall_SU_R_free_Blow_DPI          ? 
# 
_refine_hist.pdbx_refine_id                   'X-RAY DIFFRACTION' 
_refine_hist.cycle_id                         LAST 
_refine_hist.pdbx_number_atoms_protein        0 
_refine_hist.pdbx_number_atoms_nucleic_acid   404 
_refine_hist.pdbx_number_atoms_ligand         19 
_refine_hist.number_atoms_solvent             109 
_refine_hist.number_atoms_total               532 
_refine_hist.d_res_high                       1.49 
_refine_hist.d_res_low                        29.33 
# 
loop_
_refine_ls_restr.type 
_refine_ls_restr.dev_ideal 
_refine_ls_restr.dev_ideal_target 
_refine_ls_restr.weight 
_refine_ls_restr.number 
_refine_ls_restr.pdbx_restraint_function 
_refine_ls_restr.pdbx_refine_id 
r_bond_refined_d             0.010 0.011 ? 501 ? 'X-RAY DIFFRACTION' 
r_bond_other_d               ?     ?     ? ?   ? 'X-RAY DIFFRACTION' 
r_angle_refined_deg          1.847 1.181 ? 762 ? 'X-RAY DIFFRACTION' 
r_angle_other_deg            ?     ?     ? ?   ? 'X-RAY DIFFRACTION' 
r_dihedral_angle_1_deg       ?     ?     ? ?   ? 'X-RAY DIFFRACTION' 
r_dihedral_angle_2_deg       ?     ?     ? ?   ? 'X-RAY DIFFRACTION' 
r_dihedral_angle_3_deg       ?     ?     ? ?   ? 'X-RAY DIFFRACTION' 
r_dihedral_angle_4_deg       ?     ?     ? ?   ? 'X-RAY DIFFRACTION' 
r_chiral_restr               0.100 0.200 ? 66  ? 'X-RAY DIFFRACTION' 
r_gen_planes_refined         0.039 0.020 ? 228 ? 'X-RAY DIFFRACTION' 
r_gen_planes_other           ?     ?     ? ?   ? 'X-RAY DIFFRACTION' 
r_nbd_refined                ?     ?     ? ?   ? 'X-RAY DIFFRACTION' 
r_nbd_other                  ?     ?     ? ?   ? 'X-RAY DIFFRACTION' 
r_nbtor_refined              ?     ?     ? ?   ? 'X-RAY DIFFRACTION' 
r_nbtor_other                ?     ?     ? ?   ? 'X-RAY DIFFRACTION' 
r_xyhbond_nbd_refined        ?     ?     ? ?   ? 'X-RAY DIFFRACTION' 
r_xyhbond_nbd_other          ?     ?     ? ?   ? 'X-RAY DIFFRACTION' 
r_metal_ion_refined          ?     ?     ? ?   ? 'X-RAY DIFFRACTION' 
r_metal_ion_other            ?     ?     ? ?   ? 'X-RAY DIFFRACTION' 
r_symmetry_vdw_refined       ?     ?     ? ?   ? 'X-RAY DIFFRACTION' 
r_symmetry_vdw_other         ?     ?     ? ?   ? 'X-RAY DIFFRACTION' 
r_symmetry_hbond_refined     ?     ?     ? ?   ? 'X-RAY DIFFRACTION' 
r_symmetry_hbond_other       ?     ?     ? ?   ? 'X-RAY DIFFRACTION' 
r_symmetry_metal_ion_refined ?     ?     ? ?   ? 'X-RAY DIFFRACTION' 
r_symmetry_metal_ion_other   ?     ?     ? ?   ? 'X-RAY DIFFRACTION' 
r_mcbond_it                  ?     ?     ? ?   ? 'X-RAY DIFFRACTION' 
r_mcbond_other               ?     ?     ? ?   ? 'X-RAY DIFFRACTION' 
r_mcangle_it                 ?     ?     ? ?   ? 'X-RAY DIFFRACTION' 
r_scbond_it                  ?     ?     ? ?   ? 'X-RAY DIFFRACTION' 
r_scangle_it                 ?     ?     ? ?   ? 'X-RAY DIFFRACTION' 
r_rigid_bond_restr           ?     ?     ? ?   ? 'X-RAY DIFFRACTION' 
r_sphericity_free            ?     ?     ? ?   ? 'X-RAY DIFFRACTION' 
r_sphericity_bonded          ?     ?     ? ?   ? 'X-RAY DIFFRACTION' 
# 
_refine_ls_shell.pdbx_total_number_of_bins_used   20 
_refine_ls_shell.d_res_high                       1.490 
_refine_ls_shell.d_res_low                        1.529 
_refine_ls_shell.number_reflns_R_work             919 
_refine_ls_shell.R_factor_R_work                  0.269 
_refine_ls_shell.percent_reflns_obs               87.81 
_refine_ls_shell.R_factor_R_free                  0.310 
_refine_ls_shell.R_factor_R_free_error            ? 
_refine_ls_shell.percent_reflns_R_free            ? 
_refine_ls_shell.number_reflns_R_free             46 
_refine_ls_shell.number_reflns_all                ? 
_refine_ls_shell.R_factor_all                     ? 
_refine_ls_shell.number_reflns_obs                ? 
_refine_ls_shell.redundancy_reflns_obs            ? 
_refine_ls_shell.pdbx_refine_id                   'X-RAY DIFFRACTION' 
# 
_struct.entry_id                  4R4A 
_struct.title                     'Racemic crystal structure of a cobalt-bound B-DNA duplex' 
_struct.pdbx_model_details        ? 
_struct.pdbx_CASP_flag            ? 
_struct.pdbx_model_type_details   ? 
# 
_struct_keywords.entry_id        4R4A 
_struct_keywords.pdbx_keywords   DNA 
_struct_keywords.text            'racemic DNA, racemates, DNA' 
# 
loop_
_struct_asym.id 
_struct_asym.pdbx_blank_PDB_chainid_flag 
_struct_asym.pdbx_modified 
_struct_asym.entity_id 
_struct_asym.details 
A N N 1 ? 
B N N 1 ? 
C N N 2 ? 
D N N 2 ? 
E N N 2 ? 
F N N 3 ? 
G N N 2 ? 
H N N 2 ? 
I N N 4 ? 
J N N 4 ? 
# 
_struct_biol.id        1 
_struct_biol.details   ? 
# 
loop_
_struct_conn.id 
_struct_conn.conn_type_id 
_struct_conn.pdbx_leaving_atom_flag 
_struct_conn.pdbx_PDB_id 
_struct_conn.ptnr1_label_asym_id 
_struct_conn.ptnr1_label_comp_id 
_struct_conn.ptnr1_label_seq_id 
_struct_conn.ptnr1_label_atom_id 
_struct_conn.pdbx_ptnr1_label_alt_id 
_struct_conn.pdbx_ptnr1_PDB_ins_code 
_struct_conn.pdbx_ptnr1_standard_comp_id 
_struct_conn.ptnr1_symmetry 
_struct_conn.ptnr2_label_asym_id 
_struct_conn.ptnr2_label_comp_id 
_struct_conn.ptnr2_label_seq_id 
_struct_conn.ptnr2_label_atom_id 
_struct_conn.pdbx_ptnr2_label_alt_id 
_struct_conn.pdbx_ptnr2_PDB_ins_code 
_struct_conn.ptnr1_auth_asym_id 
_struct_conn.ptnr1_auth_comp_id 
_struct_conn.ptnr1_auth_seq_id 
_struct_conn.ptnr2_auth_asym_id 
_struct_conn.ptnr2_auth_comp_id 
_struct_conn.ptnr2_auth_seq_id 
_struct_conn.ptnr2_symmetry 
_struct_conn.pdbx_ptnr3_label_atom_id 
_struct_conn.pdbx_ptnr3_label_seq_id 
_struct_conn.pdbx_ptnr3_label_comp_id 
_struct_conn.pdbx_ptnr3_label_asym_id 
_struct_conn.pdbx_ptnr3_label_alt_id 
_struct_conn.pdbx_ptnr3_PDB_ins_code 
_struct_conn.details 
_struct_conn.pdbx_dist_value 
_struct_conn.pdbx_value_order 
_struct_conn.pdbx_role 
metalc1  metalc ? ? A DG 3  N7 ? ? ? 1_555 C CO  .  CO ? ? A DG 3   A CO  101 1_555 ? ? ? ? ? ? ?            2.167 ? ? 
metalc2  metalc ? ? A DG 9  N7 ? ? ? 1_555 D CO  .  CO ? ? A DG 9   A CO  102 1_555 ? ? ? ? ? ? ?            2.161 ? ? 
metalc3  metalc ? ? A DG 10 O6 ? ? ? 1_555 D CO  .  CO ? ? A DG 10  A CO  102 1_555 ? ? ? ? ? ? ?            2.221 ? ? 
metalc4  metalc ? ? C CO .  CO ? ? ? 1_555 I HOH .  O  ? ? A CO 101 A HOH 201 1_555 ? ? ? ? ? ? ?            2.055 ? ? 
metalc5  metalc ? ? C CO .  CO ? ? ? 1_555 I HOH .  O  ? ? A CO 101 A HOH 202 1_555 ? ? ? ? ? ? ?            2.040 ? ? 
metalc6  metalc ? ? C CO .  CO ? ? ? 1_555 I HOH .  O  ? ? A CO 101 A HOH 204 1_555 ? ? ? ? ? ? ?            2.140 ? ? 
metalc7  metalc ? ? C CO .  CO ? ? ? 1_555 I HOH .  O  ? ? A CO 101 A HOH 208 1_555 ? ? ? ? ? ? ?            2.135 ? ? 
metalc8  metalc ? ? C CO .  CO ? ? ? 1_555 J HOH .  O  ? ? A CO 101 B HOH 212 1_555 ? ? ? ? ? ? ?            2.122 ? ? 
metalc9  metalc ? ? D CO .  CO ? ? ? 1_555 I HOH .  O  ? ? A CO 102 A HOH 203 1_555 ? ? ? ? ? ? ?            2.037 ? ? 
metalc10 metalc ? ? D CO .  CO ? ? ? 1_555 I HOH .  O  ? ? A CO 102 A HOH 207 1_555 ? ? ? ? ? ? ?            2.084 ? ? 
metalc11 metalc ? ? D CO .  CO ? ? ? 1_555 I HOH .  O  ? ? A CO 102 A HOH 212 1_555 ? ? ? ? ? ? ?            2.115 ? ? 
metalc12 metalc ? ? E CO .  CO ? ? ? 1_555 I HOH .  O  ? ? A CO 103 A HOH 216 1_555 ? ? ? ? ? ? ?            1.943 ? ? 
metalc13 metalc ? ? E CO .  CO ? ? ? 1_555 I HOH .  O  ? ? A CO 103 A HOH 220 1_555 ? ? ? ? ? ? ?            2.261 ? ? 
metalc14 metalc ? ? E CO .  CO ? ? ? 1_555 I HOH .  O  ? ? A CO 103 A HOH 248 1_555 ? ? ? ? ? ? ?            1.974 ? ? 
metalc15 metalc ? ? E CO .  CO ? ? ? 1_555 J HOH .  O  ? ? A CO 103 B HOH 207 1_555 ? ? ? ? ? ? ?            2.027 ? ? 
metalc16 metalc ? ? E CO .  CO ? ? ? 1_555 J HOH .  O  ? ? A CO 103 B HOH 220 1_555 ? ? ? ? ? ? ?            1.989 ? ? 
metalc17 metalc ? ? E CO .  CO ? ? ? 1_555 J HOH .  O  ? ? A CO 103 B HOH 230 1_555 ? ? ? ? ? ? ?            2.071 ? ? 
metalc18 metalc ? ? B DG 3  N7 ? ? ? 1_555 H CO  .  CO ? ? B DG 3   B CO  103 1_555 ? ? ? ? ? ? ?            2.154 ? ? 
metalc19 metalc ? ? B DG 9  N7 ? ? ? 1_555 G CO  .  CO ? ? B DG 9   B CO  102 1_555 ? ? ? ? ? ? ?            2.180 ? ? 
metalc20 metalc ? ? G CO .  CO ? ? ? 1_555 J HOH .  O  ? ? B CO 102 B HOH 202 1_555 ? ? ? ? ? ? ?            2.056 ? ? 
metalc21 metalc ? ? G CO .  CO ? ? ? 1_555 J HOH .  O  ? ? B CO 102 B HOH 209 1_555 ? ? ? ? ? ? ?            2.128 ? ? 
metalc22 metalc ? ? G CO .  CO ? ? ? 1_555 J HOH .  O  ? ? B CO 102 B HOH 210 1_555 ? ? ? ? ? ? ?            2.145 ? ? 
metalc23 metalc ? ? G CO .  CO ? ? ? 1_555 J HOH .  O  ? ? B CO 102 B HOH 211 1_555 ? ? ? ? ? ? ?            2.126 ? ? 
metalc24 metalc ? ? G CO .  CO ? ? ? 1_555 J HOH .  O  ? ? B CO 102 B HOH 213 1_555 ? ? ? ? ? ? ?            2.136 ? ? 
metalc25 metalc ? ? H CO .  CO ? ? ? 1_555 J HOH .  O  ? ? B CO 103 B HOH 203 1_555 ? ? ? ? ? ? ?            1.961 ? ? 
metalc26 metalc ? ? H CO .  CO ? ? ? 1_555 J HOH .  O  ? ? B CO 103 B HOH 215 1_555 ? ? ? ? ? ? ?            2.062 ? ? 
metalc27 metalc ? ? H CO .  CO ? ? ? 1_555 J HOH .  O  ? ? B CO 103 B HOH 218 1_555 ? ? ? ? ? ? ?            2.124 ? ? 
hydrog1  hydrog ? ? A DC 1  N3 A ? ? 1_555 B DG  10 N1 ? ? A DC 1   B DG  10  1_555 ? ? ? ? ? ? WATSON-CRICK ?     ? ? 
hydrog2  hydrog ? ? A DC 1  N4 A ? ? 1_555 B DG  10 O6 ? ? A DC 1   B DG  10  1_555 ? ? ? ? ? ? WATSON-CRICK ?     ? ? 
hydrog3  hydrog ? ? A DC 1  O2 A ? ? 1_555 B DG  10 N2 ? ? A DC 1   B DG  10  1_555 ? ? ? ? ? ? WATSON-CRICK ?     ? ? 
hydrog4  hydrog ? ? A DC 2  N3 ? ? ? 1_555 B DG  9  N1 ? ? A DC 2   B DG  9   1_555 ? ? ? ? ? ? WATSON-CRICK ?     ? ? 
hydrog5  hydrog ? ? A DC 2  N4 ? ? ? 1_555 B DG  9  O6 ? ? A DC 2   B DG  9   1_555 ? ? ? ? ? ? WATSON-CRICK ?     ? ? 
hydrog6  hydrog ? ? A DC 2  O2 ? ? ? 1_555 B DG  9  N2 ? ? A DC 2   B DG  9   1_555 ? ? ? ? ? ? WATSON-CRICK ?     ? ? 
hydrog7  hydrog ? ? A DG 3  N1 ? ? ? 1_555 B DC  8  N3 ? ? A DG 3   B DC  8   1_555 ? ? ? ? ? ? WATSON-CRICK ?     ? ? 
hydrog8  hydrog ? ? A DG 3  N2 ? ? ? 1_555 B DC  8  O2 ? ? A DG 3   B DC  8   1_555 ? ? ? ? ? ? WATSON-CRICK ?     ? ? 
hydrog9  hydrog ? ? A DG 3  O6 ? ? ? 1_555 B DC  8  N4 ? ? A DG 3   B DC  8   1_555 ? ? ? ? ? ? WATSON-CRICK ?     ? ? 
hydrog10 hydrog ? ? A DG 4  N1 ? ? ? 1_555 B DC  7  N3 ? ? A DG 4   B DC  7   1_555 ? ? ? ? ? ? WATSON-CRICK ?     ? ? 
hydrog11 hydrog ? ? A DG 4  N2 ? ? ? 1_555 B DC  7  O2 ? ? A DG 4   B DC  7   1_555 ? ? ? ? ? ? WATSON-CRICK ?     ? ? 
hydrog12 hydrog ? ? A DG 4  O6 ? ? ? 1_555 B DC  7  N4 ? ? A DG 4   B DC  7   1_555 ? ? ? ? ? ? WATSON-CRICK ?     ? ? 
hydrog13 hydrog ? ? A DT 5  N3 ? ? ? 1_555 B DA  6  N1 ? ? A DT 5   B DA  6   1_555 ? ? ? ? ? ? WATSON-CRICK ?     ? ? 
hydrog14 hydrog ? ? A DT 5  O4 ? ? ? 1_555 B DA  6  N6 ? ? A DT 5   B DA  6   1_555 ? ? ? ? ? ? WATSON-CRICK ?     ? ? 
hydrog15 hydrog ? ? A DA 6  N1 ? ? ? 1_555 B DT  5  N3 ? ? A DA 6   B DT  5   1_555 ? ? ? ? ? ? WATSON-CRICK ?     ? ? 
hydrog16 hydrog ? ? A DA 6  N6 ? ? ? 1_555 B DT  5  O4 ? ? A DA 6   B DT  5   1_555 ? ? ? ? ? ? WATSON-CRICK ?     ? ? 
hydrog17 hydrog ? ? A DC 7  N3 ? ? ? 1_555 B DG  4  N1 ? ? A DC 7   B DG  4   1_555 ? ? ? ? ? ? WATSON-CRICK ?     ? ? 
hydrog18 hydrog ? ? A DC 7  N4 ? ? ? 1_555 B DG  4  O6 ? ? A DC 7   B DG  4   1_555 ? ? ? ? ? ? WATSON-CRICK ?     ? ? 
hydrog19 hydrog ? ? A DC 7  O2 ? ? ? 1_555 B DG  4  N2 ? ? A DC 7   B DG  4   1_555 ? ? ? ? ? ? WATSON-CRICK ?     ? ? 
hydrog20 hydrog ? ? A DC 8  N3 ? ? ? 1_555 B DG  3  N1 ? ? A DC 8   B DG  3   1_555 ? ? ? ? ? ? WATSON-CRICK ?     ? ? 
hydrog21 hydrog ? ? A DC 8  N4 ? ? ? 1_555 B DG  3  O6 ? ? A DC 8   B DG  3   1_555 ? ? ? ? ? ? WATSON-CRICK ?     ? ? 
hydrog22 hydrog ? ? A DC 8  O2 ? ? ? 1_555 B DG  3  N2 ? ? A DC 8   B DG  3   1_555 ? ? ? ? ? ? WATSON-CRICK ?     ? ? 
hydrog23 hydrog ? ? A DG 9  N1 ? ? ? 1_555 B DC  2  N3 ? ? A DG 9   B DC  2   1_555 ? ? ? ? ? ? WATSON-CRICK ?     ? ? 
hydrog24 hydrog ? ? A DG 9  N2 ? ? ? 1_555 B DC  2  O2 ? ? A DG 9   B DC  2   1_555 ? ? ? ? ? ? WATSON-CRICK ?     ? ? 
hydrog25 hydrog ? ? A DG 9  O6 ? ? ? 1_555 B DC  2  N4 ? ? A DG 9   B DC  2   1_555 ? ? ? ? ? ? WATSON-CRICK ?     ? ? 
hydrog26 hydrog ? ? A DG 10 N1 ? ? ? 1_555 B DC  1  N3 A ? A DG 10  B DC  1   1_555 ? ? ? ? ? ? WATSON-CRICK ?     ? ? 
hydrog27 hydrog ? ? A DG 10 N2 ? ? ? 1_555 B DC  1  O2 A ? A DG 10  B DC  1   1_555 ? ? ? ? ? ? WATSON-CRICK ?     ? ? 
hydrog28 hydrog ? ? A DG 10 O6 ? ? ? 1_555 B DC  1  N4 A ? A DG 10  B DC  1   1_555 ? ? ? ? ? ? WATSON-CRICK ?     ? ? 
# 
loop_
_struct_conn_type.id 
_struct_conn_type.criteria 
_struct_conn_type.reference 
metalc ? ? 
hydrog ? ? 
# 
loop_
_struct_site.id 
_struct_site.pdbx_evidence_code 
_struct_site.pdbx_auth_asym_id 
_struct_site.pdbx_auth_comp_id 
_struct_site.pdbx_auth_seq_id 
_struct_site.pdbx_auth_ins_code 
_struct_site.pdbx_num_residues 
_struct_site.details 
AC1 Software A CO  101 ? 6  'BINDING SITE FOR RESIDUE CO A 101'  
AC2 Software A CO  102 ? 5  'BINDING SITE FOR RESIDUE CO A 102'  
AC3 Software A CO  103 ? 6  'BINDING SITE FOR RESIDUE CO A 103'  
AC4 Software B SPM 101 ? 10 'BINDING SITE FOR RESIDUE SPM B 101' 
AC5 Software B CO  102 ? 6  'BINDING SITE FOR RESIDUE CO B 102'  
AC6 Software B CO  103 ? 4  'BINDING SITE FOR RESIDUE CO B 103'  
# 
loop_
_struct_site_gen.id 
_struct_site_gen.site_id 
_struct_site_gen.pdbx_num_res 
_struct_site_gen.label_comp_id 
_struct_site_gen.label_asym_id 
_struct_site_gen.label_seq_id 
_struct_site_gen.pdbx_auth_ins_code 
_struct_site_gen.auth_comp_id 
_struct_site_gen.auth_asym_id 
_struct_site_gen.auth_seq_id 
_struct_site_gen.label_atom_id 
_struct_site_gen.label_alt_id 
_struct_site_gen.symmetry 
_struct_site_gen.details 
1  AC1 6  DG  A 3  ? DG  A 3   . ? 1_555 ? 
2  AC1 6  HOH I .  ? HOH A 201 . ? 1_555 ? 
3  AC1 6  HOH I .  ? HOH A 202 . ? 1_555 ? 
4  AC1 6  HOH I .  ? HOH A 204 . ? 1_555 ? 
5  AC1 6  HOH I .  ? HOH A 208 . ? 1_555 ? 
6  AC1 6  HOH J .  ? HOH B 212 . ? 1_555 ? 
7  AC2 5  DG  A 9  ? DG  A 9   . ? 1_555 ? 
8  AC2 5  DG  A 10 ? DG  A 10  . ? 1_555 ? 
9  AC2 5  HOH I .  ? HOH A 203 . ? 1_555 ? 
10 AC2 5  HOH I .  ? HOH A 207 . ? 1_555 ? 
11 AC2 5  HOH I .  ? HOH A 212 . ? 1_555 ? 
12 AC3 6  HOH I .  ? HOH A 216 . ? 1_555 ? 
13 AC3 6  HOH I .  ? HOH A 220 . ? 1_555 ? 
14 AC3 6  HOH I .  ? HOH A 248 . ? 1_555 ? 
15 AC3 6  HOH J .  ? HOH B 207 . ? 1_555 ? 
16 AC3 6  HOH J .  ? HOH B 220 . ? 1_555 ? 
17 AC3 6  HOH J .  ? HOH B 230 . ? 1_555 ? 
18 AC4 10 DC  A 1  ? DC  A 1   . ? 1_655 ? 
19 AC4 10 DC  A 2  ? DC  A 2   . ? 1_655 ? 
20 AC4 10 HOH I .  ? HOH A 223 . ? 1_565 ? 
21 AC4 10 DC  B 2  ? DC  B 2   . ? 1_565 ? 
22 AC4 10 DG  B 3  ? DG  B 3   . ? 1_565 ? 
23 AC4 10 DC  B 7  ? DC  B 7   . ? 1_555 ? 
24 AC4 10 DC  B 8  ? DC  B 8   . ? 1_555 ? 
25 AC4 10 HOH J .  ? HOH B 201 . ? 1_565 ? 
26 AC4 10 HOH J .  ? HOH B 206 . ? 1_555 ? 
27 AC4 10 HOH J .  ? HOH B 256 . ? 1_565 ? 
28 AC5 6  DG  B 9  ? DG  B 9   . ? 1_555 ? 
29 AC5 6  HOH J .  ? HOH B 202 . ? 1_555 ? 
30 AC5 6  HOH J .  ? HOH B 209 . ? 1_555 ? 
31 AC5 6  HOH J .  ? HOH B 210 . ? 1_555 ? 
32 AC5 6  HOH J .  ? HOH B 211 . ? 1_555 ? 
33 AC5 6  HOH J .  ? HOH B 213 . ? 1_555 ? 
34 AC6 4  DG  B 3  ? DG  B 3   . ? 1_555 ? 
35 AC6 4  HOH J .  ? HOH B 203 . ? 1_555 ? 
36 AC6 4  HOH J .  ? HOH B 215 . ? 1_555 ? 
37 AC6 4  HOH J .  ? HOH B 218 . ? 1_555 ? 
# 
_atom_sites.entry_id                    4R4A 
_atom_sites.fract_transf_matrix[1][1]   0.02473239 
_atom_sites.fract_transf_matrix[1][2]   -0.02078259 
_atom_sites.fract_transf_matrix[1][3]   0.02575038 
_atom_sites.fract_transf_matrix[2][1]   0.00312603 
_atom_sites.fract_transf_matrix[2][2]   0.03493443 
_atom_sites.fract_transf_matrix[2][3]   0.00934361 
_atom_sites.fract_transf_matrix[3][1]   -0.02966322 
_atom_sites.fract_transf_matrix[3][2]   -0.01409256 
_atom_sites.fract_transf_matrix[3][3]   0.00915565 
_atom_sites.fract_transf_vector[1]      2.083623 
_atom_sites.fract_transf_vector[2]      1.081414 
_atom_sites.fract_transf_vector[3]      0.224253 
# 
loop_
_atom_type.symbol 
C  
CO 
N  
O  
P  
# 
loop_
_atom_site.group_PDB 
_atom_site.id 
_atom_site.type_symbol 
_atom_site.label_atom_id 
_atom_site.label_alt_id 
_atom_site.label_comp_id 
_atom_site.label_asym_id 
_atom_site.label_entity_id 
_atom_site.label_seq_id 
_atom_site.pdbx_PDB_ins_code 
_atom_site.Cartn_x 
_atom_site.Cartn_y 
_atom_site.Cartn_z 
_atom_site.occupancy 
_atom_site.B_iso_or_equiv 
_atom_site.pdbx_formal_charge 
_atom_site.auth_seq_id 
_atom_site.auth_comp_id 
_atom_site.auth_asym_id 
_atom_site.auth_atom_id 
_atom_site.pdbx_PDB_model_num 
ATOM   1   O  "O5'" A DC  A 1 1  ? -12.872 7.416   0.762   0.55 13.77 ? 1   DC  A "O5'" 1 
ATOM   2   O  "O5'" B DC  A 1 1  ? -14.909 8.543   0.785   0.45 14.27 ? 1   DC  A "O5'" 1 
ATOM   3   C  "C5'" A DC  A 1 1  ? -14.016 7.661   -0.088  0.55 12.81 ? 1   DC  A "C5'" 1 
ATOM   4   C  "C5'" B DC  A 1 1  ? -14.132 7.825   -0.182  0.45 13.22 ? 1   DC  A "C5'" 1 
ATOM   5   C  "C4'" A DC  A 1 1  ? -13.686 8.653   -1.184  0.55 11.92 ? 1   DC  A "C4'" 1 
ATOM   6   C  "C4'" B DC  A 1 1  ? -13.732 8.764   -1.296  0.45 12.19 ? 1   DC  A "C4'" 1 
ATOM   7   O  "O4'" A DC  A 1 1  ? -13.252 9.904   -0.619  0.55 11.51 ? 1   DC  A "O4'" 1 
ATOM   8   O  "O4'" B DC  A 1 1  ? -13.273 10.010  -0.737  0.45 11.97 ? 1   DC  A "O4'" 1 
ATOM   9   C  "C3'" A DC  A 1 1  ? -12.551 8.229   -2.111  0.55 11.96 ? 1   DC  A "C3'" 1 
ATOM   10  C  "C3'" B DC  A 1 1  ? -12.568 8.265   -2.141  0.45 12.31 ? 1   DC  A "C3'" 1 
ATOM   11  O  "O3'" A DC  A 1 1  ? -13.121 7.509   -3.202  0.55 12.97 ? 1   DC  A "O3'" 1 
ATOM   12  O  "O3'" B DC  A 1 1  ? -13.129 7.514   -3.214  0.45 13.21 ? 1   DC  A "O3'" 1 
ATOM   13  C  "C2'" A DC  A 1 1  ? -12.049 9.556   -2.640  0.55 11.28 ? 1   DC  A "C2'" 1 
ATOM   14  C  "C2'" B DC  A 1 1  ? -11.980 9.553   -2.679  0.45 11.73 ? 1   DC  A "C2'" 1 
ATOM   15  C  "C1'" A DC  A 1 1  ? -12.193 10.437  -1.430  0.55 10.68 ? 1   DC  A "C1'" 1 
ATOM   16  C  "C1'" B DC  A 1 1  ? -12.169 10.490  -1.515  0.45 11.05 ? 1   DC  A "C1'" 1 
ATOM   17  N  N1    A DC  A 1 1  ? -10.995 10.596  -0.582  0.55 8.54  ? 1   DC  A N1    1 
ATOM   18  N  N1    B DC  A 1 1  ? -11.006 10.636  -0.622  0.45 9.24  ? 1   DC  A N1    1 
ATOM   19  C  C2    A DC  A 1 1  ? -9.979  11.426  -1.055  0.55 8.11  ? 1   DC  A C2    1 
ATOM   20  C  C2    B DC  A 1 1  ? -9.955  11.434  -1.068  0.45 8.82  ? 1   DC  A C2    1 
ATOM   21  O  O2    A DC  A 1 1  ? -10.058 11.855  -2.210  0.55 8.12  ? 1   DC  A O2    1 
ATOM   22  O  O2    B DC  A 1 1  ? -9.993  11.867  -2.223  0.45 8.90  ? 1   DC  A O2    1 
ATOM   23  N  N3    A DC  A 1 1  ? -8.925  11.707  -0.255  0.55 6.78  ? 1   DC  A N3    1 
ATOM   24  N  N3    B DC  A 1 1  ? -8.917  11.690  -0.239  0.45 7.59  ? 1   DC  A N3    1 
ATOM   25  C  C4    A DC  A 1 1  ? -8.899  11.243  0.996   0.55 7.41  ? 1   DC  A C4    1 
ATOM   26  C  C4    B DC  A 1 1  ? -8.929  11.210  1.007   0.45 8.21  ? 1   DC  A C4    1 
ATOM   27  N  N4    A DC  A 1 1  ? -7.889  11.612  1.778   0.55 7.43  ? 1   DC  A N4    1 
ATOM   28  N  N4    B DC  A 1 1  ? -7.922  11.539  1.813   0.45 8.28  ? 1   DC  A N4    1 
ATOM   29  C  C5    A DC  A 1 1  ? -9.916  10.380  1.500   0.55 7.92  ? 1   DC  A C5    1 
ATOM   30  C  C5    B DC  A 1 1  ? -9.985  10.381  1.484   0.45 8.69  ? 1   DC  A C5    1 
ATOM   31  C  C6    A DC  A 1 1  ? -10.957 10.119  0.699   0.55 8.76  ? 1   DC  A C6    1 
ATOM   32  C  C6    B DC  A 1 1  ? -11.012 10.150  0.655   0.45 9.44  ? 1   DC  A C6    1 
ATOM   33  P  P     . DC  A 1 2  ? -12.362 6.271   -3.827  1.00 14.47 ? 2   DC  A P     1 
ATOM   34  O  OP1   . DC  A 1 2  ? -13.220 5.710   -4.909  1.00 16.63 ? 2   DC  A OP1   1 
ATOM   35  O  OP2   . DC  A 1 2  ? -11.853 5.386   -2.737  1.00 16.58 ? 2   DC  A OP2   1 
ATOM   36  O  "O5'" . DC  A 1 2  ? -11.047 6.918   -4.472  1.00 12.64 ? 2   DC  A "O5'" 1 
ATOM   37  C  "C5'" . DC  A 1 2  ? -11.089 7.662   -5.713  1.00 11.66 ? 2   DC  A "C5'" 1 
ATOM   38  C  "C4'" . DC  A 1 2  ? -9.726  8.247   -6.020  1.00 11.83 ? 2   DC  A "C4'" 1 
ATOM   39  O  "O4'" . DC  A 1 2  ? -9.331  9.167   -4.985  1.00 11.90 ? 2   DC  A "O4'" 1 
ATOM   40  C  "C3'" . DC  A 1 2  ? -8.597  7.239   -6.096  1.00 11.29 ? 2   DC  A "C3'" 1 
ATOM   41  O  "O3'" . DC  A 1 2  ? -8.583  6.803   -7.451  1.00 12.35 ? 2   DC  A "O3'" 1 
ATOM   42  C  "C2'" . DC  A 1 2  ? -7.373  8.076   -5.786  1.00 11.20 ? 2   DC  A "C2'" 1 
ATOM   43  C  "C1'" . DC  A 1 2  ? -7.902  9.098   -4.816  1.00 10.04 ? 2   DC  A "C1'" 1 
ATOM   44  N  N1    . DC  A 1 2  ? -7.614  8.884   -3.391  1.00 8.60  ? 2   DC  A N1    1 
ATOM   45  C  C2    . DC  A 1 2  ? -6.428  9.428   -2.879  1.00 8.01  ? 2   DC  A C2    1 
ATOM   46  O  O2    . DC  A 1 2  ? -5.637  9.966   -3.664  1.00 9.33  ? 2   DC  A O2    1 
ATOM   47  N  N3    . DC  A 1 2  ? -6.176  9.332   -1.552  1.00 7.38  ? 2   DC  A N3    1 
ATOM   48  C  C4    . DC  A 1 2  ? -7.052  8.724   -0.745  1.00 7.35  ? 2   DC  A C4    1 
ATOM   49  N  N4    . DC  A 1 2  ? -6.778  8.672   0.556   1.00 7.52  ? 2   DC  A N4    1 
ATOM   50  C  C5    . DC  A 1 2  ? -8.239  8.105   -1.252  1.00 7.90  ? 2   DC  A C5    1 
ATOM   51  C  C6    . DC  A 1 2  ? -8.483  8.227   -2.569  1.00 8.72  ? 2   DC  A C6    1 
ATOM   52  P  P     . DG  A 1 3  ? -7.757  5.527   -7.920  1.00 13.60 ? 3   DG  A P     1 
ATOM   53  O  OP1   . DG  A 1 3  ? -8.184  5.179   -9.333  1.00 15.06 ? 3   DG  A OP1   1 
ATOM   54  O  OP2   . DG  A 1 3  ? -7.798  4.429   -6.871  1.00 13.96 ? 3   DG  A OP2   1 
ATOM   55  O  "O5'" . DG  A 1 3  ? -6.240  6.017   -7.974  1.00 12.94 ? 3   DG  A "O5'" 1 
ATOM   56  C  "C5'" . DG  A 1 3  ? -5.833  7.105   -8.843  1.00 12.57 ? 3   DG  A "C5'" 1 
ATOM   57  C  "C4'" . DG  A 1 3  ? -4.351  7.366   -8.628  1.00 11.93 ? 3   DG  A "C4'" 1 
ATOM   58  O  "O4'" . DG  A 1 3  ? -4.108  7.705   -7.238  1.00 11.25 ? 3   DG  A "O4'" 1 
ATOM   59  C  "C3'" . DG  A 1 3  ? -3.378  6.233   -8.965  1.00 12.01 ? 3   DG  A "C3'" 1 
ATOM   60  O  "O3'" . DG  A 1 3  ? -2.212  6.893   -9.510  1.00 13.88 ? 3   DG  A "O3'" 1 
ATOM   61  C  "C2'" . DG  A 1 3  ? -3.159  5.566   -7.614  1.00 10.74 ? 3   DG  A "C2'" 1 
ATOM   62  C  "C1'" . DG  A 1 3  ? -3.237  6.735   -6.648  1.00 9.39  ? 3   DG  A "C1'" 1 
ATOM   63  N  N9    . DG  A 1 3  ? -3.791  6.403   -5.334  1.00 7.87  ? 3   DG  A N9    1 
ATOM   64  C  C8    . DG  A 1 3  ? -4.828  5.541   -5.049  1.00 8.72  ? 3   DG  A C8    1 
ATOM   65  N  N7    . DG  A 1 3  ? -5.114  5.493   -3.770  1.00 8.15  ? 3   DG  A N7    1 
ATOM   66  C  C5    . DG  A 1 3  ? -4.186  6.343   -3.176  1.00 6.72  ? 3   DG  A C5    1 
ATOM   67  C  C6    . DG  A 1 3  ? -3.975  6.669   -1.807  1.00 6.69  ? 3   DG  A C6    1 
ATOM   68  O  O6    . DG  A 1 3  ? -4.595  6.290   -0.817  1.00 6.99  ? 3   DG  A O6    1 
ATOM   69  N  N1    . DG  A 1 3  ? -2.893  7.536   -1.649  1.00 5.99  ? 3   DG  A N1    1 
ATOM   70  C  C2    . DG  A 1 3  ? -2.130  8.022   -2.675  1.00 5.95  ? 3   DG  A C2    1 
ATOM   71  N  N2    . DG  A 1 3  ? -1.137  8.841   -2.333  1.00 6.78  ? 3   DG  A N2    1 
ATOM   72  N  N3    . DG  A 1 3  ? -2.358  7.777   -3.950  1.00 6.26  ? 3   DG  A N3    1 
ATOM   73  C  C4    . DG  A 1 3  ? -3.372  6.919   -4.128  1.00 7.38  ? 3   DG  A C4    1 
ATOM   74  P  P     . DG  A 1 4  ? -0.932  6.084   -9.994  1.00 14.28 ? 4   DG  A P     1 
ATOM   75  O  OP1   . DG  A 1 4  ? -0.365  6.838   -11.190 1.00 17.48 ? 4   DG  A OP1   1 
ATOM   76  O  OP2   . DG  A 1 4  ? -1.259  4.678   -10.160 1.00 14.33 ? 4   DG  A OP2   1 
ATOM   77  O  "O5'" . DG  A 1 4  ? 0.092   6.287   -8.788  1.00 12.84 ? 4   DG  A "O5'" 1 
ATOM   78  C  "C5'" . DG  A 1 4  ? 0.652   7.566   -8.514  1.00 11.33 ? 4   DG  A "C5'" 1 
ATOM   79  C  "C4'" . DG  A 1 4  ? 1.637   7.425   -7.377  1.00 10.61 ? 4   DG  A "C4'" 1 
ATOM   80  O  "O4'" . DG  A 1 4  ? 0.892   7.184   -6.152  1.00 10.85 ? 4   DG  A "O4'" 1 
ATOM   81  C  "C3'" . DG  A 1 4  ? 2.632   6.268   -7.510  1.00 10.04 ? 4   DG  A "C3'" 1 
ATOM   82  O  "O3'" . DG  A 1 4  ? 3.917   6.819   -7.191  1.00 11.33 ? 4   DG  A "O3'" 1 
ATOM   83  C  "C2'" . DG  A 1 4  ? 2.149   5.242   -6.484  1.00 9.44  ? 4   DG  A "C2'" 1 
ATOM   84  C  "C1'" . DG  A 1 4  ? 1.506   6.121   -5.413  1.00 8.80  ? 4   DG  A "C1'" 1 
ATOM   85  N  N9    . DG  A 1 4  ? 0.443   5.443   -4.667  1.00 7.58  ? 4   DG  A N9    1 
ATOM   86  C  C8    . DG  A 1 4  ? -0.621  4.747   -5.192  1.00 8.02  ? 4   DG  A C8    1 
ATOM   87  N  N7    . DG  A 1 4  ? -1.413  4.255   -4.279  1.00 7.70  ? 4   DG  A N7    1 
ATOM   88  C  C5    . DG  A 1 4  ? -0.896  4.732   -3.080  1.00 6.45  ? 4   DG  A C5    1 
ATOM   89  C  C6    . DG  A 1 4  ? -1.342  4.555   -1.748  1.00 6.32  ? 4   DG  A C6    1 
ATOM   90  O  O6    . DG  A 1 4  ? -2.344  3.955   -1.341  1.00 7.12  ? 4   DG  A O6    1 
ATOM   91  N  N1    . DG  A 1 4  ? -0.485  5.147   -0.831  1.00 6.16  ? 4   DG  A N1    1 
ATOM   92  C  C2    . DG  A 1 4  ? 0.649   5.836   -1.152  1.00 6.28  ? 4   DG  A C2    1 
ATOM   93  N  N2    . DG  A 1 4  ? 1.326   6.341   -0.121  1.00 7.25  ? 4   DG  A N2    1 
ATOM   94  N  N3    . DG  A 1 4  ? 1.058   6.054   -2.401  1.00 6.40  ? 4   DG  A N3    1 
ATOM   95  C  C4    . DG  A 1 4  ? 0.267   5.448   -3.302  1.00 6.71  ? 4   DG  A C4    1 
ATOM   96  P  P     . DT  A 1 5  ? 5.268   5.972   -7.171  1.00 12.04 ? 5   DT  A P     1 
ATOM   97  O  OP1   . DT  A 1 5  ? 6.390   6.944   -7.490  1.00 13.44 ? 5   DT  A OP1   1 
ATOM   98  O  OP2   . DT  A 1 5  ? 5.108   4.757   -7.991  1.00 12.57 ? 5   DT  A OP2   1 
ATOM   99  O  "O5'" . DT  A 1 5  ? 5.389   5.518   -5.633  1.00 11.43 ? 5   DT  A "O5'" 1 
ATOM   100 C  "C5'" . DT  A 1 5  ? 5.516   6.523   -4.600  1.00 10.29 ? 5   DT  A "C5'" 1 
ATOM   101 C  "C4'" . DT  A 1 5  ? 5.404   5.843   -3.256  1.00 9.52  ? 5   DT  A "C4'" 1 
ATOM   102 O  "O4'" . DT  A 1 5  ? 4.104   5.240   -3.155  1.00 10.24 ? 5   DT  A "O4'" 1 
ATOM   103 C  "C3'" . DT  A 1 5  ? 6.401   4.700   -3.062  1.00 10.56 ? 5   DT  A "C3'" 1 
ATOM   104 O  "O3'" . DT  A 1 5  ? 7.300   5.160   -2.041  1.00 10.80 ? 5   DT  A "O3'" 1 
ATOM   105 C  "C2'" . DT  A 1 5  ? 5.562   3.506   -2.627  1.00 10.76 ? 5   DT  A "C2'" 1 
ATOM   106 C  "C1'" . DT  A 1 5  ? 4.239   4.127   -2.258  1.00 9.61  ? 5   DT  A "C1'" 1 
ATOM   107 N  N1    . DT  A 1 5  ? 3.064   3.262   -2.446  1.00 9.34  ? 5   DT  A N1    1 
ATOM   108 C  C2    . DT  A 1 5  ? 2.325   2.901   -1.340  1.00 8.51  ? 5   DT  A C2    1 
ATOM   109 O  O2    . DT  A 1 5  ? 2.642   3.195   -0.200  1.00 9.76  ? 5   DT  A O2    1 
ATOM   110 N  N3    . DT  A 1 5  ? 1.198   2.173   -1.614  1.00 8.55  ? 5   DT  A N3    1 
ATOM   111 C  C4    . DT  A 1 5  ? 0.761   1.754   -2.854  1.00 9.00  ? 5   DT  A C4    1 
ATOM   112 O  O4    . DT  A 1 5  ? -0.292  1.131   -2.946  1.00 10.22 ? 5   DT  A O4    1 
ATOM   113 C  C5    . DT  A 1 5  ? 1.609   2.126   -3.967  1.00 9.89  ? 5   DT  A C5    1 
ATOM   114 C  C7    . DT  A 1 5  ? 1.233   1.680   -5.344  1.00 10.51 ? 5   DT  A C7    1 
ATOM   115 C  C6    . DT  A 1 5  ? 2.704   2.854   -3.714  1.00 9.04  ? 5   DT  A C6    1 
ATOM   116 P  P     . DA  A 1 6  ? 8.446   4.201   -1.436  1.00 10.25 ? 6   DA  A P     1 
ATOM   117 O  OP1   . DA  A 1 6  ? 9.507   5.089   -0.885  1.00 10.40 ? 6   DA  A OP1   1 
ATOM   118 O  OP2   . DA  A 1 6  ? 8.838   3.190   -2.474  1.00 11.93 ? 6   DA  A OP2   1 
ATOM   119 O  "O5'" . DA  A 1 6  ? 7.703   3.436   -0.280  1.00 9.51  ? 6   DA  A "O5'" 1 
ATOM   120 C  "C5'" . DA  A 1 6  ? 7.255   4.114   0.890   1.00 9.79  ? 6   DA  A "C5'" 1 
ATOM   121 C  "C4'" . DA  A 1 6  ? 6.922   3.066   1.923   1.00 9.47  ? 6   DA  A "C4'" 1 
ATOM   122 O  "O4'" . DA  A 1 6  ? 5.695   2.388   1.527   1.00 10.54 ? 6   DA  A "O4'" 1 
ATOM   123 C  "C3'" . DA  A 1 6  ? 7.992   1.977   2.056   1.00 9.55  ? 6   DA  A "C3'" 1 
ATOM   124 O  "O3'" . DA  A 1 6  ? 8.289   1.893   3.446   1.00 10.88 ? 6   DA  A "O3'" 1 
ATOM   125 C  "C2'" . DA  A 1 6  ? 7.338   0.721   1.509   1.00 10.39 ? 6   DA  A "C2'" 1 
ATOM   126 C  "C1'" . DA  A 1 6  ? 5.849   0.974   1.656   1.00 9.64  ? 6   DA  A "C1'" 1 
ATOM   127 N  N9    . DA  A 1 6  ? 5.019   0.378   0.614   1.00 8.82  ? 6   DA  A N9    1 
ATOM   128 C  C8    . DA  A 1 6  ? 5.181   0.468   -0.741  1.00 9.45  ? 6   DA  A C8    1 
ATOM   129 N  N7    . DA  A 1 6  ? 4.197   -0.059  -1.430  1.00 9.80  ? 6   DA  A N7    1 
ATOM   130 C  C5    . DA  A 1 6  ? 3.303   -0.479  -0.462  1.00 7.84  ? 6   DA  A C5    1 
ATOM   131 C  C6    . DA  A 1 6  ? 2.057   -1.134  -0.546  1.00 7.92  ? 6   DA  A C6    1 
ATOM   132 N  N6    . DA  A 1 6  ? 1.464   -1.434  -1.708  1.00 9.14  ? 6   DA  A N6    1 
ATOM   133 N  N1    . DA  A 1 6  ? 1.429   -1.431  0.606   1.00 8.31  ? 6   DA  A N1    1 
ATOM   134 C  C2    . DA  A 1 6  ? 2.036   -1.146  1.768   1.00 8.14  ? 6   DA  A C2    1 
ATOM   135 N  N3    . DA  A 1 6  ? 3.200   -0.514  1.974   1.00 8.39  ? 6   DA  A N3    1 
ATOM   136 C  C4    . DA  A 1 6  ? 3.794   -0.226  0.802   1.00 7.96  ? 6   DA  A C4    1 
ATOM   137 P  P     . DC  A 1 7  ? 9.486   0.976   3.986   1.00 10.08 ? 7   DC  A P     1 
ATOM   138 O  OP1   . DC  A 1 7  ? 9.833   1.486   5.324   1.00 10.69 ? 7   DC  A OP1   1 
ATOM   139 O  OP2   . DC  A 1 7  ? 10.486  0.751   2.948   1.00 11.39 ? 7   DC  A OP2   1 
ATOM   140 O  "O5'" . DC  A 1 7  ? 8.773   -0.435  4.204   1.00 10.96 ? 7   DC  A "O5'" 1 
ATOM   141 C  "C5'" . DC  A 1 7  ? 7.692   -0.479  5.179   1.00 11.60 ? 7   DC  A "C5'" 1 
ATOM   142 C  "C4'" . DC  A 1 7  ? 6.910   -1.763  4.987   1.00 11.92 ? 7   DC  A "C4'" 1 
ATOM   143 O  "O4'" . DC  A 1 7  ? 6.217   -1.752  3.730   1.00 11.59 ? 7   DC  A "O4'" 1 
ATOM   144 C  "C3'" . DC  A 1 7  ? 7.789   -3.013  4.926   1.00 14.13 ? 7   DC  A "C3'" 1 
ATOM   145 O  "O3'" . DC  A 1 7  ? 7.617   -3.595  6.216   1.00 15.85 ? 7   DC  A "O3'" 1 
ATOM   146 C  "C2'" . DC  A 1 7  ? 7.126   -3.871  3.866   1.00 13.32 ? 7   DC  A "C2'" 1 
ATOM   147 C  "C1'" . DC  A 1 7  ? 5.897   -3.119  3.486   1.00 11.31 ? 7   DC  A "C1'" 1 
ATOM   148 N  N1    . DC  A 1 7  ? 5.517   -3.255  2.088   1.00 9.79  ? 7   DC  A N1    1 
ATOM   149 C  C2    . DC  A 1 7  ? 4.246   -3.789  1.815   1.00 8.85  ? 7   DC  A C2    1 
ATOM   150 O  O2    . DC  A 1 7  ? 3.524   -4.099  2.770   1.00 11.16 ? 7   DC  A O2    1 
ATOM   151 N  N3    . DC  A 1 7  ? 3.838   -3.898  0.533   1.00 9.00  ? 7   DC  A N3    1 
ATOM   152 C  C4    . DC  A 1 7  ? 4.666   -3.576  -0.465  1.00 9.14  ? 7   DC  A C4    1 
ATOM   153 N  N4    . DC  A 1 7  ? 4.224   -3.704  -1.715  1.00 10.06 ? 7   DC  A N4    1 
ATOM   154 C  C5    . DC  A 1 7  ? 5.972   -3.041  -0.218  1.00 8.64  ? 7   DC  A C5    1 
ATOM   155 C  C6    . DC  A 1 7  ? 6.355   -2.913  1.062   1.00 9.12  ? 7   DC  A C6    1 
ATOM   156 P  P     . DC  A 1 8  ? 8.254   -5.028  6.626   1.00 16.91 ? 8   DC  A P     1 
ATOM   157 O  OP1   . DC  A 1 8  ? 8.568   -4.911  8.069   1.00 19.34 ? 8   DC  A OP1   1 
ATOM   158 O  OP2   . DC  A 1 8  ? 9.318   -5.477  5.662   1.00 19.12 ? 8   DC  A OP2   1 
ATOM   159 O  "O5'" . DC  A 1 8  ? 7.030   -6.021  6.397   1.00 17.10 ? 8   DC  A "O5'" 1 
ATOM   160 C  "C5'" . DC  A 1 8  ? 5.758   -5.775  7.053   1.00 15.86 ? 8   DC  A "C5'" 1 
ATOM   161 C  "C4'" . DC  A 1 8  ? 4.825   -6.877  6.604   1.00 14.71 ? 8   DC  A "C4'" 1 
ATOM   162 O  "O4'" . DC  A 1 8  ? 4.439   -6.682  5.213   1.00 15.43 ? 8   DC  A "O4'" 1 
ATOM   163 C  "C3'" . DC  A 1 8  ? 5.499   -8.245  6.673   1.00 15.92 ? 8   DC  A "C3'" 1 
ATOM   164 O  "O3'" . DC  A 1 8  ? 4.529   -9.079  7.303   1.00 21.02 ? 8   DC  A "O3'" 1 
ATOM   165 C  "C2'" . DC  A 1 8  ? 5.692   -8.639  5.224   1.00 17.34 ? 8   DC  A "C2'" 1 
ATOM   166 C  "C1'" . DC  A 1 8  ? 4.533   -7.931  4.547   1.00 14.72 ? 8   DC  A "C1'" 1 
ATOM   167 N  N1    . DC  A 1 8  ? 4.862   -7.642  3.160   1.00 12.27 ? 8   DC  A N1    1 
ATOM   168 C  C2    . DC  A 1 8  ? 3.934   -7.923  2.167   1.00 10.68 ? 8   DC  A C2    1 
ATOM   169 O  O2    . DC  A 1 8  ? 2.880   -8.493  2.479   1.00 11.83 ? 8   DC  A O2    1 
ATOM   170 N  N3    . DC  A 1 8  ? 4.226   -7.616  0.886   1.00 10.41 ? 8   DC  A N3    1 
ATOM   171 C  C4    . DC  A 1 8  ? 5.385   -7.025  0.595   1.00 10.01 ? 8   DC  A C4    1 
ATOM   172 N  N4    . DC  A 1 8  ? 5.604   -6.684  -0.670  1.00 10.79 ? 8   DC  A N4    1 
ATOM   173 C  C5    . DC  A 1 8  ? 6.352   -6.734  1.592   1.00 11.87 ? 8   DC  A C5    1 
ATOM   174 C  C6    . DC  A 1 8  ? 6.064   -7.072  2.845   1.00 11.33 ? 8   DC  A C6    1 
ATOM   175 P  P     . DG  A 1 9  ? 4.922   -10.072 8.489   1.00 16.11 ? 9   DG  A P     1 
ATOM   176 O  OP1   . DG  A 1 9  ? 4.636   -9.405  9.773   1.00 21.27 ? 9   DG  A OP1   1 
ATOM   177 O  OP2   . DG  A 1 9  ? 6.263   -10.642 8.261   1.00 15.85 ? 9   DG  A OP2   1 
ATOM   178 O  "O5'" . DG  A 1 9  ? 3.854   -11.233 8.249   1.00 15.00 ? 9   DG  A "O5'" 1 
ATOM   179 C  "C5'" . DG  A 1 9  ? 2.444   -10.952 8.409   1.00 15.31 ? 9   DG  A "C5'" 1 
ATOM   180 C  "C4'" . DG  A 1 9  ? 1.664   -12.118 7.847   1.00 12.03 ? 9   DG  A "C4'" 1 
ATOM   181 O  "O4'" . DG  A 1 9  ? 1.839   -12.169 6.397   1.00 11.69 ? 9   DG  A "O4'" 1 
ATOM   182 C  "C3'" . DG  A 1 9  ? 2.117   -13.480 8.356   1.00 12.70 ? 9   DG  A "C3'" 1 
ATOM   183 O  "O3'" . DG  A 1 9  ? 0.949   -14.296 8.268   1.00 13.78 ? 9   DG  A "O3'" 1 
ATOM   184 C  "C2'" . DG  A 1 9  ? 3.135   -13.922 7.317   1.00 11.01 ? 9   DG  A "C2'" 1 
ATOM   185 C  "C1'" . DG  A 1 9  ? 2.677   -13.257 6.022   1.00 9.55  ? 9   DG  A "C1'" 1 
ATOM   186 N  N9    . DG  A 1 9  ? 3.750   -12.696 5.193   1.00 7.81  ? 9   DG  A N9    1 
ATOM   187 C  C8    . DG  A 1 9  ? 5.022   -12.300 5.542   1.00 7.88  ? 9   DG  A C8    1 
ATOM   188 N  N7    . DG  A 1 9  ? 5.704   -11.831 4.531   1.00 6.86  ? 9   DG  A N7    1 
ATOM   189 C  C5    . DG  A 1 9  ? 4.791   -11.805 3.484   1.00 6.60  ? 9   DG  A C5    1 
ATOM   190 C  C6    . DG  A 1 9  ? 4.946   -11.394 2.130   1.00 6.58  ? 9   DG  A C6    1 
ATOM   191 O  O6    . DG  A 1 9  ? 5.905   -10.817 1.600   1.00 7.68  ? 9   DG  A O6    1 
ATOM   192 N  N1    . DG  A 1 9  ? 3.824   -11.698 1.368   1.00 6.48  ? 9   DG  A N1    1 
ATOM   193 C  C2    . DG  A 1 9  ? 2.696   -12.289 1.853   1.00 6.51  ? 9   DG  A C2    1 
ATOM   194 N  N2    . DG  A 1 9  ? 1.718   -12.512 0.962   1.00 8.22  ? 9   DG  A N2    1 
ATOM   195 N  N3    . DG  A 1 9  ? 2.502   -12.595 3.123   1.00 6.86  ? 9   DG  A N3    1 
ATOM   196 C  C4    . DG  A 1 9  ? 3.607   -12.401 3.861   1.00 6.84  ? 9   DG  A C4    1 
ATOM   197 P  P     . DG  A 1 10 ? 0.967   -15.862 8.725   1.00 16.14 ? 10  DG  A P     1 
ATOM   198 O  OP1   . DG  A 1 10 ? -0.427  -16.224 9.042   1.00 18.20 ? 10  DG  A OP1   1 
ATOM   199 O  OP2   . DG  A 1 10 ? 2.075   -16.078 9.683   1.00 17.48 ? 10  DG  A OP2   1 
ATOM   200 O  "O5'" . DG  A 1 10 ? 1.371   -16.645 7.399   1.00 14.03 ? 10  DG  A "O5'" 1 
ATOM   201 C  "C5'" . DG  A 1 10 ? 0.465   -16.685 6.301   1.00 12.90 ? 10  DG  A "C5'" 1 
ATOM   202 C  "C4'" . DG  A 1 10 ? 1.148   -17.327 5.124   1.00 13.44 ? 10  DG  A "C4'" 1 
ATOM   203 O  "O4'" . DG  A 1 10 ? 2.184   -16.438 4.645   1.00 11.93 ? 10  DG  A "O4'" 1 
ATOM   204 C  "C3'" . DG  A 1 10 ? 1.857   -18.645 5.475   1.00 14.14 ? 10  DG  A "C3'" 1 
ATOM   205 O  "O3'" . DG  A 1 10 ? 1.600   -19.628 4.456   1.00 18.85 ? 10  DG  A "O3'" 1 
ATOM   206 C  "C2'" . DG  A 1 10 ? 3.328   -18.329 5.364   1.00 12.90 ? 10  DG  A "C2'" 1 
ATOM   207 C  "C1'" . DG  A 1 10 ? 3.287   -17.237 4.295   1.00 11.45 ? 10  DG  A "C1'" 1 
ATOM   208 N  N9    . DG  A 1 10 ? 4.448   -16.370 4.257   1.00 9.63  ? 10  DG  A N9    1 
ATOM   209 C  C8    . DG  A 1 10 ? 5.327   -16.073 5.268   1.00 9.60  ? 10  DG  A C8    1 
ATOM   210 N  N7    . DG  A 1 10 ? 6.246   -15.219 4.914   1.00 9.76  ? 10  DG  A N7    1 
ATOM   211 C  C5    . DG  A 1 10 ? 5.994   -14.980 3.569   1.00 7.92  ? 10  DG  A C5    1 
ATOM   212 C  C6    . DG  A 1 10 ? 6.678   -14.144 2.629   1.00 7.66  ? 10  DG  A C6    1 
ATOM   213 O  O6    . DG  A 1 10 ? 7.637   -13.375 2.825   1.00 7.58  ? 10  DG  A O6    1 
ATOM   214 N  N1    . DG  A 1 10 ? 6.110   -14.227 1.357   1.00 6.45  ? 10  DG  A N1    1 
ATOM   215 C  C2    . DG  A 1 10 ? 4.966   -14.945 1.058   1.00 6.34  ? 10  DG  A C2    1 
ATOM   216 N  N2    . DG  A 1 10 ? 4.571   -14.909 -0.211  1.00 6.39  ? 10  DG  A N2    1 
ATOM   217 N  N3    . DG  A 1 10 ? 4.303   -15.688 1.933   1.00 7.02  ? 10  DG  A N3    1 
ATOM   218 C  C4    . DG  A 1 10 ? 4.869   -15.664 3.155   1.00 8.16  ? 10  DG  A C4    1 
ATOM   219 O  "O5'" A DC  B 1 1  ? 10.776  -11.901 -6.941  0.57 17.59 ? 1   DC  B "O5'" 1 
ATOM   220 O  "O5'" B DC  B 1 1  ? 9.439   -11.952 -8.422  0.43 14.09 ? 1   DC  B "O5'" 1 
ATOM   221 C  "C5'" A DC  B 1 1  ? 9.337   -11.708 -6.868  0.57 13.54 ? 1   DC  B "C5'" 1 
ATOM   222 C  "C5'" B DC  B 1 1  ? 9.610   -12.242 -7.034  0.43 12.55 ? 1   DC  B "C5'" 1 
ATOM   223 C  "C4'" A DC  B 1 1  ? 8.644   -13.030 -6.616  0.57 12.10 ? 1   DC  B "C4'" 1 
ATOM   224 C  "C4'" B DC  B 1 1  ? 8.702   -13.375 -6.621  0.43 11.18 ? 1   DC  B "C4'" 1 
ATOM   225 O  "O4'" A DC  B 1 1  ? 8.854   -13.380 -5.223  0.57 10.50 ? 1   DC  B "O4'" 1 
ATOM   226 O  "O4'" B DC  B 1 1  ? 8.850   -13.581 -5.189  0.43 10.25 ? 1   DC  B "O4'" 1 
ATOM   227 C  "C3'" A DC  B 1 1  ? 7.124   -12.977 -6.796  0.57 11.65 ? 1   DC  B "C3'" 1 
ATOM   228 C  "C3'" B DC  B 1 1  ? 7.226   -13.047 -6.829  0.43 11.26 ? 1   DC  B "C3'" 1 
ATOM   229 O  "O3'" A DC  B 1 1  ? 6.611   -14.306 -6.976  0.57 12.27 ? 1   DC  B "O3'" 1 
ATOM   230 O  "O3'" B DC  B 1 1  ? 6.554   -14.305 -6.936  0.43 12.11 ? 1   DC  B "O3'" 1 
ATOM   231 C  "C2'" A DC  B 1 1  ? 6.654   -12.530 -5.424  0.57 10.66 ? 1   DC  B "C2'" 1 
ATOM   232 C  "C2'" B DC  B 1 1  ? 6.857   -12.403 -5.505  0.43 10.52 ? 1   DC  B "C2'" 1 
ATOM   233 C  "C1'" A DC  B 1 1  ? 7.593   -13.299 -4.526  0.57 9.46  ? 1   DC  B "C1'" 1 
ATOM   234 C  "C1'" B DC  B 1 1  ? 7.592   -13.308 -4.551  0.43 9.51  ? 1   DC  B "C1'" 1 
ATOM   235 N  N1    A DC  B 1 1  ? 7.865   -12.782 -3.182  0.57 7.73  ? 1   DC  B N1    1 
ATOM   236 N  N1    B DC  B 1 1  ? 7.880   -12.788 -3.210  0.43 8.18  ? 1   DC  B N1    1 
ATOM   237 C  C2    A DC  B 1 1  ? 7.144   -13.296 -2.099  0.57 7.29  ? 1   DC  B C2    1 
ATOM   238 C  C2    B DC  B 1 1  ? 7.172   -13.299 -2.117  0.43 7.86  ? 1   DC  B C2    1 
ATOM   239 O  O2    A DC  B 1 1  ? 6.185   -14.040 -2.323  0.57 7.55  ? 1   DC  B O2    1 
ATOM   240 O  O2    B DC  B 1 1  ? 6.234   -14.076 -2.327  0.43 8.14  ? 1   DC  B O2    1 
ATOM   241 N  N3    A DC  B 1 1  ? 7.501   -12.954 -0.839  0.57 6.60  ? 1   DC  B N3    1 
ATOM   242 N  N3    B DC  B 1 1  ? 7.520   -12.923 -0.866  0.43 7.37  ? 1   DC  B N3    1 
ATOM   243 C  C4    A DC  B 1 1  ? 8.552   -12.141 -0.646  0.57 6.86  ? 1   DC  B C4    1 
ATOM   244 C  C4    B DC  B 1 1  ? 8.546   -12.080 -0.688  0.43 7.49  ? 1   DC  B C4    1 
ATOM   245 N  N4    A DC  B 1 1  ? 8.866   -11.820 0.612   0.57 7.30  ? 1   DC  B N4    1 
ATOM   246 N  N4    B DC  B 1 1  ? 8.851   -11.724 0.562   0.43 8.03  ? 1   DC  B N4    1 
ATOM   247 C  C5    A DC  B 1 1  ? 9.267   -11.564 -1.734  0.57 7.56  ? 1   DC  B C5    1 
ATOM   248 C  C5    B DC  B 1 1  ? 9.254   -11.513 -1.786  0.43 8.03  ? 1   DC  B C5    1 
ATOM   249 C  C6    A DC  B 1 1  ? 8.916   -11.933 -2.973  0.57 7.70  ? 1   DC  B C6    1 
ATOM   250 C  C6    B DC  B 1 1  ? 8.912   -11.913 -3.017  0.43 8.08  ? 1   DC  B C6    1 
ATOM   251 P  P     . DC  B 1 2  ? 5.640   -14.708 -8.187  1.00 11.83 ? 2   DC  B P     1 
ATOM   252 O  OP1   . DC  B 1 2  ? 5.758   -16.165 -8.303  1.00 13.17 ? 2   DC  B OP1   1 
ATOM   253 O  OP2   . DC  B 1 2  ? 5.965   -13.818 -9.359  1.00 13.56 ? 2   DC  B OP2   1 
ATOM   254 O  "O5'" . DC  B 1 2  ? 4.182   -14.369 -7.684  1.00 13.01 ? 2   DC  B "O5'" 1 
ATOM   255 C  "C5'" . DC  B 1 2  ? 3.647   -13.055 -7.759  1.00 12.68 ? 2   DC  B "C5'" 1 
ATOM   256 C  "C4'" . DC  B 1 2  ? 2.555   -12.877 -6.728  1.00 13.07 ? 2   DC  B "C4'" 1 
ATOM   257 O  "O4'" . DC  B 1 2  ? 3.168   -12.797 -5.439  1.00 13.67 ? 2   DC  B "O4'" 1 
ATOM   258 C  "C3'" . DC  B 1 2  ? 1.834   -11.550 -6.867  1.00 13.20 ? 2   DC  B "C3'" 1 
ATOM   259 O  "O3'" . DC  B 1 2  ? 0.675   -11.862 -7.644  1.00 14.67 ? 2   DC  B "O3'" 1 
ATOM   260 C  "C2'" . DC  B 1 2  ? 1.489   -11.139 -5.443  1.00 14.00 ? 2   DC  B "C2'" 1 
ATOM   261 C  "C1'" . DC  B 1 2  ? 2.327   -12.037 -4.555  1.00 13.08 ? 2   DC  B "C1'" 1 
ATOM   262 N  N1    . DC  B 1 2  ? 3.230   -11.350 -3.638  1.00 10.81 ? 2   DC  B N1    1 
ATOM   263 C  C2    . DC  B 1 2  ? 3.142   -11.586 -2.254  1.00 9.58  ? 2   DC  B C2    1 
ATOM   264 O  O2    . DC  B 1 2  ? 2.245   -12.329 -1.822  1.00 11.55 ? 2   DC  B O2    1 
ATOM   265 N  N3    . DC  B 1 2  ? 4.085   -11.062 -1.445  1.00 8.86  ? 2   DC  B N3    1 
ATOM   266 C  C4    . DC  B 1 2  ? 5.055   -10.300 -1.946  1.00 8.81  ? 2   DC  B C4    1 
ATOM   267 N  N4    . DC  B 1 2  ? 5.991   -9.852  -1.123  1.00 8.69  ? 2   DC  B N4    1 
ATOM   268 C  C5    . DC  B 1 2  ? 5.145   -10.014 -3.339  1.00 9.93  ? 2   DC  B C5    1 
ATOM   269 C  C6    . DC  B 1 2  ? 4.199   -10.524 -4.131  1.00 9.79  ? 2   DC  B C6    1 
ATOM   270 P  P     . DG  B 1 3  ? -0.325  -10.712 -8.151  1.00 14.79 ? 3   DG  B P     1 
ATOM   271 O  OP1   . DG  B 1 3  ? -1.112  -11.315 -9.282  1.00 17.31 ? 3   DG  B OP1   1 
ATOM   272 O  OP2   . DG  B 1 3  ? 0.325   -9.398  -8.314  1.00 15.11 ? 3   DG  B OP2   1 
ATOM   273 O  "O5'" . DG  B 1 3  ? -1.329  -10.467 -6.912  1.00 15.43 ? 3   DG  B "O5'" 1 
ATOM   274 C  "C5'" . DG  B 1 3  ? -2.091  -11.565 -6.387  1.00 15.98 ? 3   DG  B "C5'" 1 
ATOM   275 C  "C4'" . DG  B 1 3  ? -2.777  -11.073 -5.130  1.00 15.15 ? 3   DG  B "C4'" 1 
ATOM   276 O  "O4'" . DG  B 1 3  ? -1.764  -10.658 -4.174  1.00 14.20 ? 3   DG  B "O4'" 1 
ATOM   277 C  "C3'" . DG  B 1 3  ? -3.731  -9.887  -5.298  1.00 17.17 ? 3   DG  B "C3'" 1 
ATOM   278 O  "O3'" . DG  B 1 3  ? -4.800  -10.229 -4.386  1.00 20.30 ? 3   DG  B "O3'" 1 
ATOM   279 C  "C2'" . DG  B 1 3  ? -2.883  -8.700  -4.888  1.00 14.15 ? 3   DG  B "C2'" 1 
ATOM   280 C  "C1'" . DG  B 1 3  ? -1.896  -9.279  -3.875  1.00 11.42 ? 3   DG  B "C1'" 1 
ATOM   281 N  N9    . DG  B 1 3  ? -0.566  -8.676  -3.916  1.00 10.26 ? 3   DG  B N9    1 
ATOM   282 C  C8    . DG  B 1 3  ? 0.048   -8.036  -4.972  1.00 10.60 ? 3   DG  B C8    1 
ATOM   283 N  N7    . DG  B 1 3  ? 1.222   -7.553  -4.661  1.00 8.86  ? 3   DG  B N7    1 
ATOM   284 C  C5    . DG  B 1 3  ? 1.394   -7.909  -3.326  1.00 8.79  ? 3   DG  B C5    1 
ATOM   285 C  C6    . DG  B 1 3  ? 2.488   -7.684  -2.440  1.00 8.36  ? 3   DG  B C6    1 
ATOM   286 O  O6    . DG  B 1 3  ? 3.544   -7.094  -2.653  1.00 10.19 ? 3   DG  B O6    1 
ATOM   287 N  N1    . DG  B 1 3  ? 2.224   -8.153  -1.162  1.00 8.50  ? 3   DG  B N1    1 
ATOM   288 C  C2    . DG  B 1 3  ? 1.099   -8.849  -0.810  1.00 8.69  ? 3   DG  B C2    1 
ATOM   289 N  N2    . DG  B 1 3  ? 1.031   -9.224  0.481   1.00 9.60  ? 3   DG  B N2    1 
ATOM   290 N  N3    . DG  B 1 3  ? 0.092   -9.098  -1.627  1.00 8.71  ? 3   DG  B N3    1 
ATOM   291 C  C4    . DG  B 1 3  ? 0.315   -8.630  -2.870  1.00 8.86  ? 3   DG  B C4    1 
ATOM   292 P  P     . DG  B 1 4  ? -5.933  -9.185  -3.817  1.00 18.85 ? 4   DG  B P     1 
ATOM   293 O  OP1   . DG  B 1 4  ? -7.124  -10.029 -3.576  1.00 22.42 ? 4   DG  B OP1   1 
ATOM   294 O  OP2   . DG  B 1 4  ? -6.052  -7.954  -4.666  1.00 20.26 ? 4   DG  B OP2   1 
ATOM   295 O  "O5'" . DG  B 1 4  ? -5.316  -8.753  -2.406  1.00 17.43 ? 4   DG  B "O5'" 1 
ATOM   296 C  "C5'" . DG  B 1 4  ? -5.127  -9.781  -1.423  1.00 15.13 ? 4   DG  B "C5'" 1 
ATOM   297 C  "C4'" . DG  B 1 4  ? -4.701  -9.152  -0.123  1.00 13.53 ? 4   DG  B "C4'" 1 
ATOM   298 O  "O4'" . DG  B 1 4  ? -3.365  -8.604  -0.277  1.00 13.20 ? 4   DG  B "O4'" 1 
ATOM   299 C  "C3'" . DG  B 1 4  ? -5.564  -8.010  0.388   1.00 13.30 ? 4   DG  B "C3'" 1 
ATOM   300 O  "O3'" . DG  B 1 4  ? -5.462  -8.327  1.770   1.00 16.20 ? 4   DG  B "O3'" 1 
ATOM   301 C  "C2'" . DG  B 1 4  ? -4.746  -6.761  0.063   1.00 11.37 ? 4   DG  B "C2'" 1 
ATOM   302 C  "C1'" . DG  B 1 4  ? -3.334  -7.261  0.213   1.00 11.29 ? 4   DG  B "C1'" 1 
ATOM   303 N  N9    . DG  B 1 4  ? -2.359  -6.553  -0.607  1.00 9.53  ? 4   DG  B N9    1 
ATOM   304 C  C8    . DG  B 1 4  ? -2.410  -6.360  -1.963  1.00 10.36 ? 4   DG  B C8    1 
ATOM   305 N  N7    . DG  B 1 4  ? -1.349  -5.755  -2.432  1.00 10.46 ? 4   DG  B N7    1 
ATOM   306 C  C5    . DG  B 1 4  ? -0.521  -5.601  -1.329  1.00 8.57  ? 4   DG  B C5    1 
ATOM   307 C  C6    . DG  B 1 4  ? 0.792   -5.044  -1.219  1.00 7.88  ? 4   DG  B C6    1 
ATOM   308 O  O6    . DG  B 1 4  ? 1.500   -4.565  -2.107  1.00 10.07 ? 4   DG  B O6    1 
ATOM   309 N  N1    . DG  B 1 4  ? 1.245   -5.054  0.092   1.00 8.11  ? 4   DG  B N1    1 
ATOM   310 C  C2    . DG  B 1 4  ? 0.556   -5.566  1.162   1.00 7.92  ? 4   DG  B C2    1 
ATOM   311 N  N2    . DG  B 1 4  ? 1.154   -5.486  2.364   1.00 9.48  ? 4   DG  B N2    1 
ATOM   312 N  N3    . DG  B 1 4  ? -0.663  -6.091  1.070   1.00 8.18  ? 4   DG  B N3    1 
ATOM   313 C  C4    . DG  B 1 4  ? -1.119  -6.104  -0.195  1.00 8.66  ? 4   DG  B C4    1 
ATOM   314 P  P     . DT  B 1 5  ? -6.411  -7.709  2.871   1.00 18.83 ? 5   DT  B P     1 
ATOM   315 O  OP1   . DT  B 1 5  ? -6.570  -8.782  3.920   1.00 20.37 ? 5   DT  B OP1   1 
ATOM   316 O  OP2   . DT  B 1 5  ? -7.566  -7.047  2.251   1.00 16.64 ? 5   DT  B OP2   1 
ATOM   317 O  "O5'" . DT  B 1 5  ? -5.568  -6.488  3.454   1.00 17.33 ? 5   DT  B "O5'" 1 
ATOM   318 C  "C5'" . DT  B 1 5  ? -4.573  -6.728  4.433   1.00 18.54 ? 5   DT  B "C5'" 1 
ATOM   319 C  "C4'" . DT  B 1 5  ? -3.955  -5.403  4.795   1.00 17.60 ? 5   DT  B "C4'" 1 
ATOM   320 O  "O4'" . DT  B 1 5  ? -3.153  -4.961  3.679   1.00 17.68 ? 5   DT  B "O4'" 1 
ATOM   321 C  "C3'" . DT  B 1 5  ? -4.941  -4.275  5.100   1.00 17.73 ? 5   DT  B "C3'" 1 
ATOM   322 O  "O3'" . DT  B 1 5  ? -4.525  -3.999  6.430   1.00 20.09 ? 5   DT  B "O3'" 1 
ATOM   323 C  "C2'" . DT  B 1 5  ? -4.610  -3.188  4.089   1.00 16.11 ? 5   DT  B "C2'" 1 
ATOM   324 C  "C1'" . DT  B 1 5  ? -3.198  -3.553  3.660   1.00 14.52 ? 5   DT  B "C1'" 1 
ATOM   325 N  N1    . DT  B 1 5  ? -2.805  -3.172  2.312   1.00 11.81 ? 5   DT  B N1    1 
ATOM   326 C  C2    . DT  B 1 5  ? -1.506  -2.747  2.162   1.00 10.09 ? 5   DT  B C2    1 
ATOM   327 O  O2    . DT  B 1 5  ? -0.760  -2.550  3.101   1.00 12.16 ? 5   DT  B O2    1 
ATOM   328 N  N3    . DT  B 1 5  ? -1.135  -2.504  0.874   1.00 9.47  ? 5   DT  B N3    1 
ATOM   329 C  C4    . DT  B 1 5  ? -1.891  -2.646  -0.259  1.00 9.61  ? 5   DT  B C4    1 
ATOM   330 O  O4    . DT  B 1 5  ? -1.405  -2.390  -1.352  1.00 10.86 ? 5   DT  B O4    1 
ATOM   331 C  C5    . DT  B 1 5  ? -3.252  -3.101  -0.037  1.00 10.54 ? 5   DT  B C5    1 
ATOM   332 C  C7    . DT  B 1 5  ? -4.157  -3.290  -1.211  1.00 13.13 ? 5   DT  B C7    1 
ATOM   333 C  C6    . DT  B 1 5  ? -3.616  -3.383  1.218   1.00 11.04 ? 5   DT  B C6    1 
ATOM   334 P  P     . DA  B 1 6  ? -5.247  -2.925  7.350   1.00 18.28 ? 6   DA  B P     1 
ATOM   335 O  OP1   . DA  B 1 6  ? -5.073  -3.422  8.754   1.00 24.53 ? 6   DA  B OP1   1 
ATOM   336 O  OP2   . DA  B 1 6  ? -6.591  -2.522  6.827   1.00 18.72 ? 6   DA  B OP2   1 
ATOM   337 O  "O5'" . DA  B 1 6  ? -4.298  -1.635  7.238   1.00 18.41 ? 6   DA  B "O5'" 1 
ATOM   338 C  "C5'" . DA  B 1 6  ? -2.944  -1.701  7.684   1.00 17.61 ? 6   DA  B "C5'" 1 
ATOM   339 C  "C4'" . DA  B 1 6  ? -2.278  -0.417  7.268   1.00 16.15 ? 6   DA  B "C4'" 1 
ATOM   340 O  "O4'" . DA  B 1 6  ? -2.020  -0.508  5.844   1.00 15.01 ? 6   DA  B "O4'" 1 
ATOM   341 C  "C3'" . DA  B 1 6  ? -3.096  0.860   7.485   1.00 15.94 ? 6   DA  B "C3'" 1 
ATOM   342 O  "O3'" . DA  B 1 6  ? -2.190  1.850   7.971   1.00 18.11 ? 6   DA  B "O3'" 1 
ATOM   343 C  "C2'" . DA  B 1 6  ? -3.456  1.292   6.088   1.00 14.07 ? 6   DA  B "C2'" 1 
ATOM   344 C  "C1'" . DA  B 1 6  ? -2.238  0.769   5.324   1.00 12.49 ? 6   DA  B "C1'" 1 
ATOM   345 N  N9    . DA  B 1 6  ? -2.494  0.618   3.912   1.00 10.80 ? 6   DA  B N9    1 
ATOM   346 C  C8    . DA  B 1 6  ? -3.675  0.301   3.285   1.00 10.11 ? 6   DA  B C8    1 
ATOM   347 N  N7    . DA  B 1 6  ? -3.594  0.298   1.979   1.00 10.48 ? 6   DA  B N7    1 
ATOM   348 C  C5    . DA  B 1 6  ? -2.289  0.694   1.730   1.00 8.59  ? 6   DA  B C5    1 
ATOM   349 C  C6    . DA  B 1 6  ? -1.606  0.955   0.535   1.00 7.48  ? 6   DA  B C6    1 
ATOM   350 N  N6    . DA  B 1 6  ? -2.130  0.749   -0.676  1.00 9.01  ? 6   DA  B N6    1 
ATOM   351 N  N1    . DA  B 1 6  ? -0.332  1.392   0.622   1.00 8.28  ? 6   DA  B N1    1 
ATOM   352 C  C2    . DA  B 1 6  ? 0.208   1.551   1.834   1.00 7.54  ? 6   DA  B C2    1 
ATOM   353 N  N3    . DA  B 1 6  ? -0.333  1.341   3.035   1.00 8.25  ? 6   DA  B N3    1 
ATOM   354 C  C4    . DA  B 1 6  ? -1.610  0.921   2.906   1.00 8.71  ? 6   DA  B C4    1 
ATOM   355 P  P     . DC  B 1 7  ? -2.650  3.154   8.820   1.00 18.56 ? 7   DC  B P     1 
ATOM   356 O  OP1   . DC  B 1 7  ? -2.329  2.900   10.250  1.00 21.41 ? 7   DC  B OP1   1 
ATOM   357 O  OP2   . DC  B 1 7  ? -3.949  3.675   8.367   1.00 19.57 ? 7   DC  B OP2   1 
ATOM   358 O  "O5'" . DC  B 1 7  ? -1.625  4.270   8.280   1.00 15.54 ? 7   DC  B "O5'" 1 
ATOM   359 C  "C5'" . DC  B 1 7  ? -0.256  4.109   8.563   1.00 14.03 ? 7   DC  B "C5'" 1 
ATOM   360 C  "C4'" . DC  B 1 7  ? 0.518   4.763   7.444   1.00 10.57 ? 7   DC  B "C4'" 1 
ATOM   361 O  "O4'" . DC  B 1 7  ? 0.386   3.977   6.254   1.00 10.50 ? 7   DC  B "O4'" 1 
ATOM   362 C  "C3'" . DC  B 1 7  ? 0.068   6.140   6.974   1.00 10.16 ? 7   DC  B "C3'" 1 
ATOM   363 O  "O3'" . DC  B 1 7  ? 0.606   7.145   7.844   1.00 10.46 ? 7   DC  B "O3'" 1 
ATOM   364 C  "C2'" . DC  B 1 7  ? 0.830   6.225   5.663   1.00 10.11 ? 7   DC  B "C2'" 1 
ATOM   365 C  "C1'" . DC  B 1 7  ? 0.630   4.840   5.116   1.00 9.18  ? 7   DC  B "C1'" 1 
ATOM   366 N  N1    . DC  B 1 7  ? -0.488  4.693   4.183   1.00 8.35  ? 7   DC  B N1    1 
ATOM   367 C  C2    . DC  B 1 7  ? -0.230  4.931   2.833   1.00 7.85  ? 7   DC  B C2    1 
ATOM   368 O  O2    . DC  B 1 7  ? 0.907   5.301   2.514   1.00 8.80  ? 7   DC  B O2    1 
ATOM   369 N  N3    . DC  B 1 7  ? -1.209  4.734   1.925   1.00 7.51  ? 7   DC  B N3    1 
ATOM   370 C  C4    . DC  B 1 7  ? -2.417  4.320   2.323   1.00 7.47  ? 7   DC  B C4    1 
ATOM   371 N  N4    . DC  B 1 7  ? -3.345  4.070   1.394   1.00 8.52  ? 7   DC  B N4    1 
ATOM   372 C  C5    . DC  B 1 7  ? -2.728  4.136   3.702   1.00 8.16  ? 7   DC  B C5    1 
ATOM   373 C  C6    . DC  B 1 7  ? -1.741  4.328   4.589   1.00 8.89  ? 7   DC  B C6    1 
ATOM   374 P  P     . DC  B 1 8  ? -0.123  8.589   7.981   1.00 10.78 ? 8   DC  B P     1 
ATOM   375 O  OP1   . DC  B 1 8  ? 0.517   9.263   9.102   1.00 12.96 ? 8   DC  B OP1   1 
ATOM   376 O  OP2   . DC  B 1 8  ? -1.542  8.452   7.927   1.00 11.58 ? 8   DC  B OP2   1 
ATOM   377 O  "O5'" . DC  B 1 8  ? 0.268   9.331   6.604   1.00 9.61  ? 8   DC  B "O5'" 1 
ATOM   378 C  "C5'" . DC  B 1 8  ? 1.628   9.640   6.300   1.00 9.33  ? 8   DC  B "C5'" 1 
ATOM   379 C  "C4'" . DC  B 1 8  ? 1.745   10.087  4.860   1.00 8.16  ? 8   DC  B "C4'" 1 
ATOM   380 O  "O4'" . DC  B 1 8  ? 1.271   9.039   3.997   1.00 7.77  ? 8   DC  B "O4'" 1 
ATOM   381 C  "C3'" . DC  B 1 8  ? 0.945   11.323  4.439   1.00 7.52  ? 8   DC  B "C3'" 1 
ATOM   382 O  "O3'" . DC  B 1 8  ? 1.795   12.448  4.768   1.00 7.51  ? 8   DC  B "O3'" 1 
ATOM   383 C  "C2'" . DC  B 1 8  ? 0.795   11.105  2.939   1.00 7.71  ? 8   DC  B "C2'" 1 
ATOM   384 C  "C1'" . DC  B 1 8  ? 0.743   9.588   2.786   1.00 7.18  ? 8   DC  B "C1'" 1 
ATOM   385 N  N1    . DC  B 1 8  ? -0.615  9.033   2.599   1.00 6.82  ? 8   DC  B N1    1 
ATOM   386 C  C2    . DC  B 1 8  ? -1.087  8.861   1.301   1.00 6.66  ? 8   DC  B C2    1 
ATOM   387 O  O2    . DC  B 1 8  ? -0.422  9.305   0.360   1.00 7.75  ? 8   DC  B O2    1 
ATOM   388 N  N3    . DC  B 1 8  ? -2.281  8.260   1.103   1.00 6.59  ? 8   DC  B N3    1 
ATOM   389 C  C4    . DC  B 1 8  ? -3.003  7.858   2.146   1.00 6.06  ? 8   DC  B C4    1 
ATOM   390 N  N4    . DC  B 1 8  ? -4.162  7.246   1.897   1.00 7.04  ? 8   DC  B N4    1 
ATOM   391 C  C5    . DC  B 1 8  ? -2.585  8.087   3.491   1.00 6.49  ? 8   DC  B C5    1 
ATOM   392 C  C6    . DC  B 1 8  ? -1.381  8.653   3.673   1.00 7.11  ? 8   DC  B C6    1 
ATOM   393 P  P     . DG  B 1 9  ? 1.228   13.951  4.908   1.00 7.94  ? 9   DG  B P     1 
ATOM   394 O  OP1   . DG  B 1 9  ? 2.238   14.679  5.699   1.00 8.86  ? 9   DG  B OP1   1 
ATOM   395 O  OP2   . DG  B 1 9  ? -0.150  13.924  5.397   1.00 9.48  ? 9   DG  B OP2   1 
ATOM   396 O  "O5'" . DG  B 1 9  ? 1.153   14.491  3.416   1.00 7.68  ? 9   DG  B "O5'" 1 
ATOM   397 C  "C5'" . DG  B 1 9  ? 2.366   14.545  2.608   1.00 7.80  ? 9   DG  B "C5'" 1 
ATOM   398 C  "C4'" . DG  B 1 9  ? 2.020   14.621  1.137   1.00 7.76  ? 9   DG  B "C4'" 1 
ATOM   399 O  "O4'" . DG  B 1 9  ? 1.077   13.572  0.768   1.00 7.59  ? 9   DG  B "O4'" 1 
ATOM   400 C  "C3'" . DG  B 1 9  ? 1.369   15.931  0.701   1.00 7.97  ? 9   DG  B "C3'" 1 
ATOM   401 O  "O3'" . DG  B 1 9  ? 1.833   16.071  -0.666  1.00 8.95  ? 9   DG  B "O3'" 1 
ATOM   402 C  "C2'" . DG  B 1 9  ? -0.122  15.621  0.761   1.00 7.68  ? 9   DG  B "C2'" 1 
ATOM   403 C  "C1'" . DG  B 1 9  ? -0.165  14.161  0.351   1.00 6.85  ? 9   DG  B "C1'" 1 
ATOM   404 N  N9    . DG  B 1 9  ? -1.266  13.392  0.938   1.00 6.42  ? 9   DG  B N9    1 
ATOM   405 C  C8    . DG  B 1 9  ? -1.662  13.390  2.250   1.00 6.68  ? 9   DG  B C8    1 
ATOM   406 N  N7    . DG  B 1 9  ? -2.715  12.637  2.463   1.00 6.14  ? 9   DG  B N7    1 
ATOM   407 C  C5    . DG  B 1 9  ? -3.019  12.110  1.210   1.00 6.06  ? 9   DG  B C5    1 
ATOM   408 C  C6    . DG  B 1 9  ? -4.009  11.163  0.810   1.00 6.46  ? 9   DG  B C6    1 
ATOM   409 O  O6    . DG  B 1 9  ? -4.854  10.596  1.507   1.00 6.86  ? 9   DG  B O6    1 
ATOM   410 N  N1    . DG  B 1 9  ? -4.036  10.997  -0.563  1.00 6.51  ? 9   DG  B N1    1 
ATOM   411 C  C2    . DG  B 1 9  ? -3.117  11.525  -1.436  1.00 5.70  ? 9   DG  B C2    1 
ATOM   412 N  N2    . DG  B 1 9  ? -3.307  11.261  -2.732  1.00 7.34  ? 9   DG  B N2    1 
ATOM   413 N  N3    . DG  B 1 9  ? -2.119  12.316  -1.066  1.00 5.93  ? 9   DG  B N3    1 
ATOM   414 C  C4    . DG  B 1 9  ? -2.138  12.571  0.259   1.00 5.68  ? 9   DG  B C4    1 
ATOM   415 P  P     . DG  B 1 10 ? 1.272   17.205  -1.659  1.00 10.22 ? 10  DG  B P     1 
ATOM   416 O  OP1   . DG  B 1 10 ? 2.393   17.539  -2.584  1.00 11.27 ? 10  DG  B OP1   1 
ATOM   417 O  OP2   . DG  B 1 10 ? 0.674   18.263  -0.841  1.00 9.69  ? 10  DG  B OP2   1 
ATOM   418 O  "O5'" . DG  B 1 10 ? 0.111   16.474  -2.472  1.00 9.88  ? 10  DG  B "O5'" 1 
ATOM   419 C  "C5'" . DG  B 1 10 ? 0.466   15.497  -3.478  1.00 11.67 ? 10  DG  B "C5'" 1 
ATOM   420 C  "C4'" . DG  B 1 10 ? -0.643  15.334  -4.486  1.00 10.61 ? 10  DG  B "C4'" 1 
ATOM   421 O  "O4'" . DG  B 1 10 ? -1.772  14.636  -3.895  1.00 11.32 ? 10  DG  B "O4'" 1 
ATOM   422 C  "C3'" . DG  B 1 10 ? -1.213  16.645  -5.029  1.00 10.88 ? 10  DG  B "C3'" 1 
ATOM   423 O  "O3'" . DG  B 1 10 ? -1.581  16.409  -6.404  1.00 14.64 ? 10  DG  B "O3'" 1 
ATOM   424 C  "C2'" . DG  B 1 10 ? -2.447  16.866  -4.175  1.00 9.97  ? 10  DG  B "C2'" 1 
ATOM   425 C  "C1'" . DG  B 1 10 ? -2.954  15.455  -3.923  1.00 9.23  ? 10  DG  B "C1'" 1 
ATOM   426 N  N9    . DG  B 1 10 ? -3.588  15.275  -2.632  1.00 7.27  ? 10  DG  B N9    1 
ATOM   427 C  C8    . DG  B 1 10 ? -3.070  15.667  -1.424  1.00 7.09  ? 10  DG  B C8    1 
ATOM   428 N  N7    . DG  B 1 10 ? -3.774  15.263  -0.403  1.00 6.89  ? 10  DG  B N7    1 
ATOM   429 C  C5    . DG  B 1 10 ? -4.796  14.517  -0.971  1.00 6.26  ? 10  DG  B C5    1 
ATOM   430 C  C6    . DG  B 1 10 ? -5.883  13.852  -0.367  1.00 6.25  ? 10  DG  B C6    1 
ATOM   431 O  O6    . DG  B 1 10 ? -6.119  13.707  0.836   1.00 6.72  ? 10  DG  B O6    1 
ATOM   432 N  N1    . DG  B 1 10 ? -6.733  13.293  -1.310  1.00 6.07  ? 10  DG  B N1    1 
ATOM   433 C  C2    . DG  B 1 10 ? -6.543  13.336  -2.674  1.00 5.89  ? 10  DG  B C2    1 
ATOM   434 N  N2    . DG  B 1 10 ? -7.481  12.743  -3.423  1.00 7.52  ? 10  DG  B N2    1 
ATOM   435 N  N3    . DG  B 1 10 ? -5.535  13.962  -3.255  1.00 7.35  ? 10  DG  B N3    1 
ATOM   436 C  C4    . DG  B 1 10 ? -4.710  14.535  -2.350  1.00 6.79  ? 10  DG  B C4    1 
HETATM 437 CO CO    . CO  C 2 .  ? -6.344  3.879   -3.009  1.00 8.46  ? 101 CO  A CO    1 
HETATM 438 CO CO    . CO  D 2 .  ? 7.861   -11.956 4.518   1.00 9.20  ? 102 CO  A CO    1 
HETATM 439 CO CO    . CO  E 2 .  ? 3.081   0.647   6.175   0.53 8.37  ? 103 CO  A CO    1 
HETATM 440 N  N1    . SPM F 3 .  ? -1.104  5.896   18.707  1.00 12.08 ? 101 SPM B N1    1 
HETATM 441 C  C2    . SPM F 3 .  ? -0.661  4.918   17.737  1.00 12.68 ? 101 SPM B C2    1 
HETATM 442 C  C3    . SPM F 3 .  ? -0.851  5.507   16.328  1.00 13.26 ? 101 SPM B C3    1 
HETATM 443 C  C4    . SPM F 3 .  ? -0.413  4.379   15.410  1.00 15.60 ? 101 SPM B C4    1 
HETATM 444 N  N5    . SPM F 3 .  ? -0.140  4.904   14.028  1.00 17.37 ? 101 SPM B N5    1 
HETATM 445 C  C6    . SPM F 3 .  ? -1.254  5.633   13.410  1.00 16.98 ? 101 SPM B C6    1 
HETATM 446 C  C7    . SPM F 3 .  ? -0.870  5.792   11.919  1.00 18.01 ? 101 SPM B C7    1 
HETATM 447 C  C8    . SPM F 3 .  ? -1.919  6.593   11.152  1.00 16.69 ? 101 SPM B C8    1 
HETATM 448 C  C9    . SPM F 3 .  ? -1.811  8.066   11.503  1.00 17.94 ? 101 SPM B C9    1 
HETATM 449 N  N10   . SPM F 3 .  ? -2.588  8.866   10.572  1.00 17.07 ? 101 SPM B N10   1 
HETATM 450 C  C11   . SPM F 3 .  ? -2.504  10.284  10.922  1.00 22.75 ? 101 SPM B C11   1 
HETATM 451 C  C12   . SPM F 3 .  ? -3.323  11.208  10.041  1.00 25.34 ? 101 SPM B C12   1 
HETATM 452 C  C13   . SPM F 3 .  ? -2.953  12.627  10.535  1.00 28.07 ? 101 SPM B C13   1 
HETATM 453 N  N14   . SPM F 3 .  ? -3.192  13.658  9.528   1.00 28.55 ? 101 SPM B N14   1 
HETATM 454 CO CO    . CO  G 2 .  ? -3.805  12.888  4.333   1.00 7.92  ? 102 CO  B CO    1 
HETATM 455 CO CO    . CO  H 2 .  ? 2.289   -6.292  -6.043  1.00 11.46 ? 103 CO  B CO    1 
HETATM 456 O  O     . HOH I 4 .  ? -6.866  5.016   -1.379  1.00 11.02 ? 201 HOH A O     1 
HETATM 457 O  O     . HOH I 4 .  ? -5.833  2.677   -4.575  1.00 11.97 ? 202 HOH A O     1 
HETATM 458 O  O     . HOH I 4 .  ? 7.949   -10.407 3.198   1.00 10.76 ? 203 HOH A O     1 
HETATM 459 O  O     . HOH I 4 .  ? -4.731  2.998   -1.913  1.00 9.42  ? 204 HOH A O     1 
HETATM 460 O  O     . HOH I 4 .  ? 2.773   8.317   -2.676  1.00 11.68 ? 205 HOH A O     1 
HETATM 461 O  O     . HOH I 4 .  ? 8.129   3.005   6.760   0.86 12.18 ? 206 HOH A O     1 
HETATM 462 O  O     . HOH I 4 .  ? 7.941   -13.516 5.897   1.00 13.12 ? 207 HOH A O     1 
HETATM 463 O  O     . HOH I 4 .  ? -7.995  4.544   -4.188  1.00 10.68 ? 208 HOH A O     1 
HETATM 464 O  O     . HOH I 4 .  ? -8.372  6.984   2.340   1.00 15.13 ? 209 HOH A O     1 
HETATM 465 O  O     . HOH I 4 .  ? -4.702  10.352  -6.184  1.00 14.58 ? 210 HOH A O     1 
HETATM 466 O  O     . HOH I 4 .  ? 1.632   -16.590 1.354   1.00 12.65 ? 211 HOH A O     1 
HETATM 467 O  O     . HOH I 4 .  ? 8.120   -10.626 6.143   1.00 11.20 ? 212 HOH A O     1 
HETATM 468 O  O     . HOH I 4 .  ? 7.911   6.778   -9.716  1.00 13.25 ? 213 HOH A O     1 
HETATM 469 O  O     . HOH I 4 .  ? 10.802  4.093   1.456   1.00 10.96 ? 214 HOH A O     1 
HETATM 470 O  O     . HOH I 4 .  ? -3.161  2.166   -4.832  1.00 14.79 ? 215 HOH A O     1 
HETATM 471 O  O     . HOH I 4 .  ? 3.425   -0.605  4.730   1.00 17.23 ? 216 HOH A O     1 
HETATM 472 O  O     . HOH I 4 .  ? 6.992   3.995   -9.763  1.00 12.41 ? 217 HOH A O     1 
HETATM 473 O  O     . HOH I 4 .  ? -7.672  10.751  4.654   1.00 15.58 ? 218 HOH A O     1 
HETATM 474 O  O     . HOH I 4 .  ? -0.460  3.024   -8.167  0.87 15.61 ? 219 HOH A O     1 
HETATM 475 O  O     . HOH I 4 .  ? 4.222   2.001   4.769   1.00 18.24 ? 220 HOH A O     1 
HETATM 476 O  O     . HOH I 4 .  ? -10.719 5.798   -0.360  0.99 20.35 ? 221 HOH A O     1 
HETATM 477 O  O     . HOH I 4 .  ? -0.688  9.568   -5.526  0.97 18.09 ? 222 HOH A O     1 
HETATM 478 O  O     . HOH I 4 .  ? 1.855   -15.803 -1.277  1.00 13.32 ? 223 HOH A O     1 
HETATM 479 O  O     . HOH I 4 .  ? 1.958   -2.032  -5.070  0.86 18.65 ? 224 HOH A O     1 
HETATM 480 O  O     . HOH I 4 .  ? 10.851  0.179   0.321   0.83 16.75 ? 225 HOH A O     1 
HETATM 481 O  O     . HOH I 4 .  ? 9.464   -6.112  2.944   0.86 18.60 ? 226 HOH A O     1 
HETATM 482 O  O     . HOH I 4 .  ? 8.494   -5.629  -1.044  0.87 19.94 ? 227 HOH A O     1 
HETATM 483 O  O     . HOH I 4 .  ? -1.296  -14.532 11.043  0.82 18.18 ? 228 HOH A O     1 
HETATM 484 O  O     . HOH I 4 .  ? -10.199 3.339   -3.322  0.73 14.18 ? 229 HOH A O     1 
HETATM 485 O  O     . HOH I 4 .  ? 1.903   7.974   -11.990 0.77 20.69 ? 230 HOH A O     1 
HETATM 486 O  O     . HOH I 4 .  ? -7.410  0.564   -5.322  0.90 20.43 ? 231 HOH A O     1 
HETATM 487 O  O     . HOH I 4 .  ? 4.022   -0.643  -4.059  0.77 21.46 ? 232 HOH A O     1 
HETATM 488 O  O     . HOH I 4 .  ? -2.699  1.622   -7.356  0.94 23.64 ? 233 HOH A O     1 
HETATM 489 O  O     . HOH I 4 .  ? 11.417  -3.937  4.666   0.63 15.39 ? 234 HOH A O     1 
HETATM 490 O  O     . HOH I 4 .  ? -7.172  12.103  7.016   0.87 22.51 ? 235 HOH A O     1 
HETATM 491 O  O     . HOH I 4 .  ? -14.649 7.454   -6.610  0.92 25.30 ? 236 HOH A O     1 
HETATM 492 O  O     . HOH I 4 .  ? -0.242  -19.778 2.743   1.00 29.64 ? 237 HOH A O     1 
HETATM 493 O  O     . HOH I 4 .  ? -13.590 6.050   3.045   0.90 20.93 ? 238 HOH A O     1 
HETATM 494 O  O     . HOH I 4 .  ? 11.127  6.530   -2.420  0.85 22.45 ? 239 HOH A O     1 
HETATM 495 O  O     . HOH I 4 .  ? 2.829   9.806   -4.911  0.70 16.49 ? 240 HOH A O     1 
HETATM 496 O  O     . HOH I 4 .  ? 1.296   -9.529  4.574   0.69 17.49 ? 241 HOH A O     1 
HETATM 497 O  O     . HOH I 4 .  ? 5.183   9.031   -9.230  0.73 23.55 ? 242 HOH A O     1 
HETATM 498 O  O     . HOH I 4 .  ? 8.887   6.031   -5.956  0.86 23.10 ? 243 HOH A O     1 
HETATM 499 O  O     . HOH I 4 .  ? -1.620  6.383   -13.679 0.64 15.30 ? 244 HOH A O     1 
HETATM 500 O  O     . HOH I 4 .  ? 5.955   -2.898  -3.832  0.86 24.99 ? 245 HOH A O     1 
HETATM 501 O  O     . HOH I 4 .  ? 8.784   0.513   -1.568  1.00 24.76 ? 246 HOH A O     1 
HETATM 502 O  O     . HOH I 4 .  ? -0.083  -16.330 13.278  0.81 23.10 ? 247 HOH A O     1 
HETATM 503 O  O     . HOH I 4 .  ? 4.787   0.099   7.002   1.00 22.76 ? 248 HOH A O     1 
HETATM 504 O  O     . HOH I 4 .  ? 7.403   -2.920  9.312   1.00 28.04 ? 249 HOH A O     1 
HETATM 505 O  O     . HOH I 4 .  ? 2.847   -3.477  5.274   1.00 36.36 ? 250 HOH A O     1 
HETATM 506 O  O     . HOH I 4 .  ? 9.436   -3.848  -2.946  1.00 29.87 ? 251 HOH A O     1 
HETATM 507 O  O     . HOH I 4 .  ? -12.235 4.305   -7.087  1.00 34.61 ? 252 HOH A O     1 
HETATM 508 O  O     . HOH J 4 .  ? 4.443   -14.973 -4.162  0.98 14.86 ? 201 HOH B O     1 
HETATM 509 O  O     . HOH J 4 .  ? -4.945  11.199  4.056   1.00 9.39  ? 202 HOH B O     1 
HETATM 510 O  O     . HOH J 4 .  ? 4.025   -6.803  -5.287  1.00 14.38 ? 203 HOH B O     1 
HETATM 511 O  O     . HOH J 4 .  ? 6.418   -14.880 -11.864 0.90 13.44 ? 204 HOH B O     1 
HETATM 512 O  O     . HOH J 4 .  ? 0.335   12.129  -2.573  1.00 13.17 ? 205 HOH B O     1 
HETATM 513 O  O     . HOH J 4 .  ? -1.223  12.968  7.686   0.95 12.26 ? 206 HOH B O     1 
HETATM 514 O  O     . HOH J 4 .  ? 1.358   1.295   5.326   1.00 19.24 ? 207 HOH B O     1 
HETATM 515 O  O     . HOH J 4 .  ? -3.684  9.490   6.563   0.95 14.60 ? 208 HOH B O     1 
HETATM 516 O  O     . HOH J 4 .  ? -2.449  11.685  5.449   1.00 9.59  ? 209 HOH B O     1 
HETATM 517 O  O     . HOH J 4 .  ? -4.965  13.301  6.090   1.00 10.81 ? 210 HOH B O     1 
HETATM 518 O  O     . HOH J 4 .  ? -5.124  14.181  3.281   1.00 9.44  ? 211 HOH B O     1 
HETATM 519 O  O     . HOH J 4 .  ? -7.614  2.347   -2.272  1.00 10.38 ? 212 HOH B O     1 
HETATM 520 O  O     . HOH J 4 .  ? -2.617  14.594  4.822   1.00 8.35  ? 213 HOH B O     1 
HETATM 521 O  O     . HOH J 4 .  ? -3.231  16.405  2.120   0.92 11.55 ? 214 HOH B O     1 
HETATM 522 O  O     . HOH J 4 .  ? 0.499   -5.622  -6.818  1.00 16.19 ? 215 HOH B O     1 
HETATM 523 O  O     . HOH J 4 .  ? 6.846   -17.398 -5.803  0.97 14.26 ? 216 HOH B O     1 
HETATM 524 O  O     . HOH J 4 .  ? 0.551   11.810  9.434   0.89 15.54 ? 217 HOH B O     1 
HETATM 525 O  O     . HOH J 4 .  ? 2.176   -4.676  -4.670  1.00 15.38 ? 218 HOH B O     1 
HETATM 526 O  O     . HOH J 4 .  ? -3.391  12.119  -7.030  0.68 7.76  ? 219 HOH B O     1 
HETATM 527 O  O     . HOH J 4 .  ? 2.767   1.949   7.647   1.00 20.94 ? 220 HOH B O     1 
HETATM 528 O  O     . HOH J 4 .  ? 7.810   -8.178  -2.709  0.86 12.88 ? 221 HOH B O     1 
HETATM 529 O  O     . HOH J 4 .  ? -1.277  -4.778  -4.993  1.00 17.04 ? 222 HOH B O     1 
HETATM 530 O  O     . HOH J 4 .  ? -1.908  12.078  -5.076  0.83 13.79 ? 223 HOH B O     1 
HETATM 531 O  O     . HOH J 4 .  ? -6.060  6.259   3.872   0.77 14.10 ? 224 HOH B O     1 
HETATM 532 O  O     . HOH J 4 .  ? -4.312  0.100   -2.617  0.83 17.40 ? 225 HOH B O     1 
HETATM 533 O  O     . HOH J 4 .  ? 3.236   3.662   2.595   1.00 12.74 ? 226 HOH B O     1 
HETATM 534 O  O     . HOH J 4 .  ? 1.702   10.443  -1.016  1.00 11.99 ? 227 HOH B O     1 
HETATM 535 O  O     . HOH J 4 .  ? -5.005  13.388  -6.002  1.00 14.30 ? 228 HOH B O     1 
HETATM 536 O  O     . HOH J 4 .  ? 3.564   16.746  -5.061  0.90 16.21 ? 229 HOH B O     1 
HETATM 537 O  O     . HOH J 4 .  ? 1.893   -0.658  7.258   1.00 24.66 ? 230 HOH B O     1 
HETATM 538 O  O     . HOH J 4 .  ? 10.102  -7.752  -1.393  0.86 16.61 ? 231 HOH B O     1 
HETATM 539 O  O     . HOH J 4 .  ? 6.558   -11.323 -9.858  0.77 17.42 ? 232 HOH B O     1 
HETATM 540 O  O     . HOH J 4 .  ? -6.776  -0.171  -1.647  0.83 17.86 ? 233 HOH B O     1 
HETATM 541 O  O     . HOH J 4 .  ? -9.592  -6.708  3.765   0.75 16.01 ? 234 HOH B O     1 
HETATM 542 O  O     . HOH J 4 .  ? 1.538   12.259  -4.890  0.79 16.43 ? 235 HOH B O     1 
HETATM 543 O  O     . HOH J 4 .  ? -9.212  -7.903  0.381   0.72 18.89 ? 236 HOH B O     1 
HETATM 544 O  O     . HOH J 4 .  ? -2.013  10.440  -7.925  0.77 19.97 ? 237 HOH B O     1 
HETATM 545 O  O     . HOH J 4 .  ? -5.333  -5.657  -3.595  1.00 24.44 ? 238 HOH B O     1 
HETATM 546 O  O     . HOH J 4 .  ? 0.434   -2.206  5.529   0.66 18.26 ? 239 HOH B O     1 
HETATM 547 O  O     . HOH J 4 .  ? 7.227   -19.516 -7.395  0.87 20.55 ? 240 HOH B O     1 
HETATM 548 O  O     . HOH J 4 .  ? -1.475  -13.924 -9.159  1.00 24.66 ? 241 HOH B O     1 
HETATM 549 O  O     . HOH J 4 .  ? -6.701  -0.353  4.945   0.97 23.96 ? 242 HOH B O     1 
HETATM 550 O  O     . HOH J 4 .  ? 11.483  -10.145 -5.219  0.88 26.07 ? 243 HOH B O     1 
HETATM 551 O  O     . HOH J 4 .  ? 0.138   -13.954 -2.282  0.67 20.60 ? 244 HOH B O     1 
HETATM 552 O  O     . HOH J 4 .  ? -2.293  14.048  -7.623  0.86 25.41 ? 245 HOH B O     1 
HETATM 553 O  O     . HOH J 4 .  ? -7.098  -4.109  1.591   0.75 22.51 ? 246 HOH B O     1 
HETATM 554 O  O     . HOH J 4 .  ? -1.262  -11.724 -1.302  0.79 25.91 ? 247 HOH B O     1 
HETATM 555 O  O     . HOH J 4 .  ? -1.209  -8.284  3.151   0.77 24.75 ? 248 HOH B O     1 
HETATM 556 O  O     . HOH J 4 .  ? 0.567   13.303  -7.364  0.84 22.10 ? 249 HOH B O     1 
HETATM 557 O  O     . HOH J 4 .  ? 8.161   -16.809 -9.577  0.82 24.05 ? 250 HOH B O     1 
HETATM 558 O  O     . HOH J 4 .  ? 6.056   -8.463  -6.400  0.88 26.90 ? 251 HOH B O     1 
HETATM 559 O  O     . HOH J 4 .  ? 0.263   -15.512 -7.748  0.82 19.93 ? 252 HOH B O     1 
HETATM 560 O  O     . HOH J 4 .  ? -3.628  7.315   17.587  1.00 22.32 ? 253 HOH B O     1 
HETATM 561 O  O     . HOH J 4 .  ? -4.429  11.773  -9.228  1.00 34.07 ? 254 HOH B O     1 
HETATM 562 O  O     . HOH J 4 .  ? -2.265  -2.146  -3.836  1.00 33.93 ? 255 HOH B O     1 
HETATM 563 O  O     . HOH J 4 .  ? -1.282  -14.868 -11.762 1.00 30.87 ? 256 HOH B O     1 
HETATM 564 O  O     . HOH J 4 .  ? 5.632   2.196   11.316  1.00 35.37 ? 257 HOH B O     1 
# 
loop_
_pdbx_poly_seq_scheme.asym_id 
_pdbx_poly_seq_scheme.entity_id 
_pdbx_poly_seq_scheme.seq_id 
_pdbx_poly_seq_scheme.mon_id 
_pdbx_poly_seq_scheme.ndb_seq_num 
_pdbx_poly_seq_scheme.pdb_seq_num 
_pdbx_poly_seq_scheme.auth_seq_num 
_pdbx_poly_seq_scheme.pdb_mon_id 
_pdbx_poly_seq_scheme.auth_mon_id 
_pdbx_poly_seq_scheme.pdb_strand_id 
_pdbx_poly_seq_scheme.pdb_ins_code 
_pdbx_poly_seq_scheme.hetero 
A 1 1  DC 1  1  1  DC DC A . n 
A 1 2  DC 2  2  2  DC DC A . n 
A 1 3  DG 3  3  3  DG DG A . n 
A 1 4  DG 4  4  4  DG DG A . n 
A 1 5  DT 5  5  5  DT DT A . n 
A 1 6  DA 6  6  6  DA DA A . n 
A 1 7  DC 7  7  7  DC DC A . n 
A 1 8  DC 8  8  8  DC DC A . n 
A 1 9  DG 9  9  9  DG DG A . n 
A 1 10 DG 10 10 10 DG DG A . n 
B 1 1  DC 1  1  1  DC DC B . n 
B 1 2  DC 2  2  2  DC DC B . n 
B 1 3  DG 3  3  3  DG DG B . n 
B 1 4  DG 4  4  4  DG DG B . n 
B 1 5  DT 5  5  5  DT DT B . n 
B 1 6  DA 6  6  6  DA DA B . n 
B 1 7  DC 7  7  7  DC DC B . n 
B 1 8  DC 8  8  8  DC DC B . n 
B 1 9  DG 9  9  9  DG DG B . n 
B 1 10 DG 10 10 10 DG DG B . n 
# 
loop_
_pdbx_nonpoly_scheme.asym_id 
_pdbx_nonpoly_scheme.entity_id 
_pdbx_nonpoly_scheme.mon_id 
_pdbx_nonpoly_scheme.ndb_seq_num 
_pdbx_nonpoly_scheme.pdb_seq_num 
_pdbx_nonpoly_scheme.auth_seq_num 
_pdbx_nonpoly_scheme.pdb_mon_id 
_pdbx_nonpoly_scheme.auth_mon_id 
_pdbx_nonpoly_scheme.pdb_strand_id 
_pdbx_nonpoly_scheme.pdb_ins_code 
C 2 CO  1  101 2   CO  CO  A . 
D 2 CO  1  102 3   CO  CO  A . 
E 2 CO  1  103 5   CO  CO  A . 
F 3 SPM 1  101 1   SPM SPM B . 
G 2 CO  1  102 1   CO  CO  B . 
H 2 CO  1  103 4   CO  CO  B . 
I 4 HOH 1  201 1   HOH HOH A . 
I 4 HOH 2  202 2   HOH HOH A . 
I 4 HOH 3  203 3   HOH HOH A . 
I 4 HOH 4  204 4   HOH HOH A . 
I 4 HOH 5  205 5   HOH HOH A . 
I 4 HOH 6  206 6   HOH HOH A . 
I 4 HOH 7  207 7   HOH HOH A . 
I 4 HOH 8  208 8   HOH HOH A . 
I 4 HOH 9  209 10  HOH HOH A . 
I 4 HOH 10 210 12  HOH HOH A . 
I 4 HOH 11 211 18  HOH HOH A . 
I 4 HOH 12 212 21  HOH HOH A . 
I 4 HOH 13 213 25  HOH HOH A . 
I 4 HOH 14 214 27  HOH HOH A . 
I 4 HOH 15 215 28  HOH HOH A . 
I 4 HOH 16 216 29  HOH HOH A . 
I 4 HOH 17 217 30  HOH HOH A . 
I 4 HOH 18 218 34  HOH HOH A . 
I 4 HOH 19 219 39  HOH HOH A . 
I 4 HOH 20 220 43  HOH HOH A . 
I 4 HOH 21 221 45  HOH HOH A . 
I 4 HOH 22 222 46  HOH HOH A . 
I 4 HOH 23 223 50  HOH HOH A . 
I 4 HOH 24 224 55  HOH HOH A . 
I 4 HOH 25 225 56  HOH HOH A . 
I 4 HOH 26 226 57  HOH HOH A . 
I 4 HOH 27 227 60  HOH HOH A . 
I 4 HOH 28 228 62  HOH HOH A . 
I 4 HOH 29 229 65  HOH HOH A . 
I 4 HOH 30 230 67  HOH HOH A . 
I 4 HOH 31 231 69  HOH HOH A . 
I 4 HOH 32 232 70  HOH HOH A . 
I 4 HOH 33 233 71  HOH HOH A . 
I 4 HOH 34 234 72  HOH HOH A . 
I 4 HOH 35 235 73  HOH HOH A . 
I 4 HOH 36 236 75  HOH HOH A . 
I 4 HOH 37 237 76  HOH HOH A . 
I 4 HOH 38 238 77  HOH HOH A . 
I 4 HOH 39 239 80  HOH HOH A . 
I 4 HOH 40 240 82  HOH HOH A . 
I 4 HOH 41 241 83  HOH HOH A . 
I 4 HOH 42 242 84  HOH HOH A . 
I 4 HOH 43 243 86  HOH HOH A . 
I 4 HOH 44 244 89  HOH HOH A . 
I 4 HOH 45 245 94  HOH HOH A . 
I 4 HOH 46 246 97  HOH HOH A . 
I 4 HOH 47 247 99  HOH HOH A . 
I 4 HOH 48 248 101 HOH HOH A . 
I 4 HOH 49 249 102 HOH HOH A . 
I 4 HOH 50 250 103 HOH HOH A . 
I 4 HOH 51 251 105 HOH HOH A . 
I 4 HOH 52 252 106 HOH HOH A . 
J 4 HOH 1  201 9   HOH HOH B . 
J 4 HOH 2  202 11  HOH HOH B . 
J 4 HOH 3  203 13  HOH HOH B . 
J 4 HOH 4  204 14  HOH HOH B . 
J 4 HOH 5  205 15  HOH HOH B . 
J 4 HOH 6  206 16  HOH HOH B . 
J 4 HOH 7  207 17  HOH HOH B . 
J 4 HOH 8  208 19  HOH HOH B . 
J 4 HOH 9  209 20  HOH HOH B . 
J 4 HOH 10 210 22  HOH HOH B . 
J 4 HOH 11 211 23  HOH HOH B . 
J 4 HOH 12 212 24  HOH HOH B . 
J 4 HOH 13 213 26  HOH HOH B . 
J 4 HOH 14 214 31  HOH HOH B . 
J 4 HOH 15 215 32  HOH HOH B . 
J 4 HOH 16 216 33  HOH HOH B . 
J 4 HOH 17 217 35  HOH HOH B . 
J 4 HOH 18 218 36  HOH HOH B . 
J 4 HOH 19 219 37  HOH HOH B . 
J 4 HOH 20 220 38  HOH HOH B . 
J 4 HOH 21 221 40  HOH HOH B . 
J 4 HOH 22 222 41  HOH HOH B . 
J 4 HOH 23 223 42  HOH HOH B . 
J 4 HOH 24 224 44  HOH HOH B . 
J 4 HOH 25 225 47  HOH HOH B . 
J 4 HOH 26 226 48  HOH HOH B . 
J 4 HOH 27 227 49  HOH HOH B . 
J 4 HOH 28 228 51  HOH HOH B . 
J 4 HOH 29 229 52  HOH HOH B . 
J 4 HOH 30 230 53  HOH HOH B . 
J 4 HOH 31 231 54  HOH HOH B . 
J 4 HOH 32 232 58  HOH HOH B . 
J 4 HOH 33 233 59  HOH HOH B . 
J 4 HOH 34 234 61  HOH HOH B . 
J 4 HOH 35 235 63  HOH HOH B . 
J 4 HOH 36 236 64  HOH HOH B . 
J 4 HOH 37 237 66  HOH HOH B . 
J 4 HOH 38 238 68  HOH HOH B . 
J 4 HOH 39 239 74  HOH HOH B . 
J 4 HOH 40 240 78  HOH HOH B . 
J 4 HOH 41 241 79  HOH HOH B . 
J 4 HOH 42 242 81  HOH HOH B . 
J 4 HOH 43 243 85  HOH HOH B . 
J 4 HOH 44 244 87  HOH HOH B . 
J 4 HOH 45 245 88  HOH HOH B . 
J 4 HOH 46 246 90  HOH HOH B . 
J 4 HOH 47 247 91  HOH HOH B . 
J 4 HOH 48 248 92  HOH HOH B . 
J 4 HOH 49 249 93  HOH HOH B . 
J 4 HOH 50 250 95  HOH HOH B . 
J 4 HOH 51 251 96  HOH HOH B . 
J 4 HOH 52 252 98  HOH HOH B . 
J 4 HOH 53 253 100 HOH HOH B . 
J 4 HOH 54 254 104 HOH HOH B . 
J 4 HOH 55 255 107 HOH HOH B . 
J 4 HOH 56 256 108 HOH HOH B . 
J 4 HOH 57 257 109 HOH HOH B . 
# 
_pdbx_struct_assembly.id                   1 
_pdbx_struct_assembly.details              author_defined_assembly 
_pdbx_struct_assembly.method_details       ? 
_pdbx_struct_assembly.oligomeric_details   dimeric 
_pdbx_struct_assembly.oligomeric_count     2 
# 
_pdbx_struct_assembly_gen.assembly_id       1 
_pdbx_struct_assembly_gen.oper_expression   1 
_pdbx_struct_assembly_gen.asym_id_list      A,B,C,D,E,F,G,H,I,J 
# 
_pdbx_struct_oper_list.id                   1 
_pdbx_struct_oper_list.type                 'identity operation' 
_pdbx_struct_oper_list.name                 1_555 
_pdbx_struct_oper_list.symmetry_operation   x,y,z 
_pdbx_struct_oper_list.matrix[1][1]         1.0000000000 
_pdbx_struct_oper_list.matrix[1][2]         0.0000000000 
_pdbx_struct_oper_list.matrix[1][3]         0.0000000000 
_pdbx_struct_oper_list.vector[1]            0.0000000000 
_pdbx_struct_oper_list.matrix[2][1]         0.0000000000 
_pdbx_struct_oper_list.matrix[2][2]         1.0000000000 
_pdbx_struct_oper_list.matrix[2][3]         0.0000000000 
_pdbx_struct_oper_list.vector[2]            0.0000000000 
_pdbx_struct_oper_list.matrix[3][1]         0.0000000000 
_pdbx_struct_oper_list.matrix[3][2]         0.0000000000 
_pdbx_struct_oper_list.matrix[3][3]         1.0000000000 
_pdbx_struct_oper_list.vector[3]            0.0000000000 
# 
loop_
_pdbx_struct_conn_angle.id 
_pdbx_struct_conn_angle.ptnr1_label_atom_id 
_pdbx_struct_conn_angle.ptnr1_label_alt_id 
_pdbx_struct_conn_angle.ptnr1_label_asym_id 
_pdbx_struct_conn_angle.ptnr1_label_comp_id 
_pdbx_struct_conn_angle.ptnr1_label_seq_id 
_pdbx_struct_conn_angle.ptnr1_auth_atom_id 
_pdbx_struct_conn_angle.ptnr1_auth_asym_id 
_pdbx_struct_conn_angle.ptnr1_auth_comp_id 
_pdbx_struct_conn_angle.ptnr1_auth_seq_id 
_pdbx_struct_conn_angle.ptnr1_PDB_ins_code 
_pdbx_struct_conn_angle.ptnr1_symmetry 
_pdbx_struct_conn_angle.ptnr2_label_atom_id 
_pdbx_struct_conn_angle.ptnr2_label_alt_id 
_pdbx_struct_conn_angle.ptnr2_label_asym_id 
_pdbx_struct_conn_angle.ptnr2_label_comp_id 
_pdbx_struct_conn_angle.ptnr2_label_seq_id 
_pdbx_struct_conn_angle.ptnr2_auth_atom_id 
_pdbx_struct_conn_angle.ptnr2_auth_asym_id 
_pdbx_struct_conn_angle.ptnr2_auth_comp_id 
_pdbx_struct_conn_angle.ptnr2_auth_seq_id 
_pdbx_struct_conn_angle.ptnr2_PDB_ins_code 
_pdbx_struct_conn_angle.ptnr2_symmetry 
_pdbx_struct_conn_angle.ptnr3_label_atom_id 
_pdbx_struct_conn_angle.ptnr3_label_alt_id 
_pdbx_struct_conn_angle.ptnr3_label_asym_id 
_pdbx_struct_conn_angle.ptnr3_label_comp_id 
_pdbx_struct_conn_angle.ptnr3_label_seq_id 
_pdbx_struct_conn_angle.ptnr3_auth_atom_id 
_pdbx_struct_conn_angle.ptnr3_auth_asym_id 
_pdbx_struct_conn_angle.ptnr3_auth_comp_id 
_pdbx_struct_conn_angle.ptnr3_auth_seq_id 
_pdbx_struct_conn_angle.ptnr3_PDB_ins_code 
_pdbx_struct_conn_angle.ptnr3_symmetry 
_pdbx_struct_conn_angle.value 
_pdbx_struct_conn_angle.value_esd 
1  N7 ? A DG  3  ? A DG  3   ? 1_555 CO ? C CO . ? A CO 101 ? 1_555 O  ? I HOH .  ? A HOH 201 ? 1_555 90.6  ? 
2  N7 ? A DG  3  ? A DG  3   ? 1_555 CO ? C CO . ? A CO 101 ? 1_555 O  ? I HOH .  ? A HOH 202 ? 1_555 91.6  ? 
3  O  ? I HOH .  ? A HOH 201 ? 1_555 CO ? C CO . ? A CO 101 ? 1_555 O  ? I HOH .  ? A HOH 202 ? 1_555 177.5 ? 
4  N7 ? A DG  3  ? A DG  3   ? 1_555 CO ? C CO . ? A CO 101 ? 1_555 O  ? I HOH .  ? A HOH 204 ? 1_555 93.4  ? 
5  O  ? I HOH .  ? A HOH 201 ? 1_555 CO ? C CO . ? A CO 101 ? 1_555 O  ? I HOH .  ? A HOH 204 ? 1_555 90.7  ? 
6  O  ? I HOH .  ? A HOH 202 ? 1_555 CO ? C CO . ? A CO 101 ? 1_555 O  ? I HOH .  ? A HOH 204 ? 1_555 87.8  ? 
7  N7 ? A DG  3  ? A DG  3   ? 1_555 CO ? C CO . ? A CO 101 ? 1_555 O  ? I HOH .  ? A HOH 208 ? 1_555 90.8  ? 
8  O  ? I HOH .  ? A HOH 201 ? 1_555 CO ? C CO . ? A CO 101 ? 1_555 O  ? I HOH .  ? A HOH 208 ? 1_555 94.0  ? 
9  O  ? I HOH .  ? A HOH 202 ? 1_555 CO ? C CO . ? A CO 101 ? 1_555 O  ? I HOH .  ? A HOH 208 ? 1_555 87.3  ? 
10 O  ? I HOH .  ? A HOH 204 ? 1_555 CO ? C CO . ? A CO 101 ? 1_555 O  ? I HOH .  ? A HOH 208 ? 1_555 173.7 ? 
11 N7 ? A DG  3  ? A DG  3   ? 1_555 CO ? C CO . ? A CO 101 ? 1_555 O  ? J HOH .  ? B HOH 212 ? 1_555 177.8 ? 
12 O  ? I HOH .  ? A HOH 201 ? 1_555 CO ? C CO . ? A CO 101 ? 1_555 O  ? J HOH .  ? B HOH 212 ? 1_555 88.4  ? 
13 O  ? I HOH .  ? A HOH 202 ? 1_555 CO ? C CO . ? A CO 101 ? 1_555 O  ? J HOH .  ? B HOH 212 ? 1_555 89.5  ? 
14 O  ? I HOH .  ? A HOH 204 ? 1_555 CO ? C CO . ? A CO 101 ? 1_555 O  ? J HOH .  ? B HOH 212 ? 1_555 88.6  ? 
15 O  ? I HOH .  ? A HOH 208 ? 1_555 CO ? C CO . ? A CO 101 ? 1_555 O  ? J HOH .  ? B HOH 212 ? 1_555 87.4  ? 
16 N7 ? A DG  9  ? A DG  9   ? 1_555 CO ? D CO . ? A CO 102 ? 1_555 O6 ? A DG  10 ? A DG  10  ? 1_555 86.6  ? 
17 N7 ? A DG  9  ? A DG  9   ? 1_555 CO ? D CO . ? A CO 102 ? 1_555 O  ? I HOH .  ? A HOH 203 ? 1_555 90.2  ? 
18 O6 ? A DG  10 ? A DG  10  ? 1_555 CO ? D CO . ? A CO 102 ? 1_555 O  ? I HOH .  ? A HOH 203 ? 1_555 89.8  ? 
19 N7 ? A DG  9  ? A DG  9   ? 1_555 CO ? D CO . ? A CO 102 ? 1_555 O  ? I HOH .  ? A HOH 207 ? 1_555 94.4  ? 
20 O6 ? A DG  10 ? A DG  10  ? 1_555 CO ? D CO . ? A CO 102 ? 1_555 O  ? I HOH .  ? A HOH 207 ? 1_555 91.7  ? 
21 O  ? I HOH .  ? A HOH 203 ? 1_555 CO ? D CO . ? A CO 102 ? 1_555 O  ? I HOH .  ? A HOH 207 ? 1_555 175.2 ? 
22 N7 ? A DG  9  ? A DG  9   ? 1_555 CO ? D CO . ? A CO 102 ? 1_555 O  ? I HOH .  ? A HOH 212 ? 1_555 94.6  ? 
23 O6 ? A DG  10 ? A DG  10  ? 1_555 CO ? D CO . ? A CO 102 ? 1_555 O  ? I HOH .  ? A HOH 212 ? 1_555 178.6 ? 
24 O  ? I HOH .  ? A HOH 203 ? 1_555 CO ? D CO . ? A CO 102 ? 1_555 O  ? I HOH .  ? A HOH 212 ? 1_555 90.8  ? 
25 O  ? I HOH .  ? A HOH 207 ? 1_555 CO ? D CO . ? A CO 102 ? 1_555 O  ? I HOH .  ? A HOH 212 ? 1_555 87.6  ? 
26 O  ? I HOH .  ? A HOH 216 ? 1_555 CO ? E CO . ? A CO 103 ? 1_555 O  ? I HOH .  ? A HOH 220 ? 1_555 80.5  ? 
27 O  ? I HOH .  ? A HOH 216 ? 1_555 CO ? E CO . ? A CO 103 ? 1_555 O  ? I HOH .  ? A HOH 248 ? 1_555 88.8  ? 
28 O  ? I HOH .  ? A HOH 220 ? 1_555 CO ? E CO . ? A CO 103 ? 1_555 O  ? I HOH .  ? A HOH 248 ? 1_555 89.5  ? 
29 O  ? I HOH .  ? A HOH 216 ? 1_555 CO ? E CO . ? A CO 103 ? 1_555 O  ? J HOH .  ? B HOH 207 ? 1_555 92.6  ? 
30 O  ? I HOH .  ? A HOH 220 ? 1_555 CO ? E CO . ? A CO 103 ? 1_555 O  ? J HOH .  ? B HOH 207 ? 1_555 88.7  ? 
31 O  ? I HOH .  ? A HOH 248 ? 1_555 CO ? E CO . ? A CO 103 ? 1_555 O  ? J HOH .  ? B HOH 207 ? 1_555 177.4 ? 
32 O  ? I HOH .  ? A HOH 216 ? 1_555 CO ? E CO . ? A CO 103 ? 1_555 O  ? J HOH .  ? B HOH 220 ? 1_555 178.7 ? 
33 O  ? I HOH .  ? A HOH 220 ? 1_555 CO ? E CO . ? A CO 103 ? 1_555 O  ? J HOH .  ? B HOH 220 ? 1_555 98.5  ? 
34 O  ? I HOH .  ? A HOH 248 ? 1_555 CO ? E CO . ? A CO 103 ? 1_555 O  ? J HOH .  ? B HOH 220 ? 1_555 90.5  ? 
35 O  ? J HOH .  ? B HOH 207 ? 1_555 CO ? E CO . ? A CO 103 ? 1_555 O  ? J HOH .  ? B HOH 220 ? 1_555 88.1  ? 
36 O  ? I HOH .  ? A HOH 216 ? 1_555 CO ? E CO . ? A CO 103 ? 1_555 O  ? J HOH .  ? B HOH 230 ? 1_555 94.8  ? 
37 O  ? I HOH .  ? A HOH 220 ? 1_555 CO ? E CO . ? A CO 103 ? 1_555 O  ? J HOH .  ? B HOH 230 ? 1_555 172.9 ? 
38 O  ? I HOH .  ? A HOH 248 ? 1_555 CO ? E CO . ? A CO 103 ? 1_555 O  ? J HOH .  ? B HOH 230 ? 1_555 95.8  ? 
39 O  ? J HOH .  ? B HOH 207 ? 1_555 CO ? E CO . ? A CO 103 ? 1_555 O  ? J HOH .  ? B HOH 230 ? 1_555 86.2  ? 
40 O  ? J HOH .  ? B HOH 220 ? 1_555 CO ? E CO . ? A CO 103 ? 1_555 O  ? J HOH .  ? B HOH 230 ? 1_555 86.3  ? 
41 N7 ? B DG  3  ? B DG  3   ? 1_555 CO ? H CO . ? B CO 103 ? 1_555 O  ? J HOH .  ? B HOH 203 ? 1_555 92.2  ? 
42 N7 ? B DG  3  ? B DG  3   ? 1_555 CO ? H CO . ? B CO 103 ? 1_555 O  ? J HOH .  ? B HOH 215 ? 1_555 90.1  ? 
43 O  ? J HOH .  ? B HOH 203 ? 1_555 CO ? H CO . ? B CO 103 ? 1_555 O  ? J HOH .  ? B HOH 215 ? 1_555 176.1 ? 
44 N7 ? B DG  3  ? B DG  3   ? 1_555 CO ? H CO . ? B CO 103 ? 1_555 O  ? J HOH .  ? B HOH 218 ? 1_555 90.3  ? 
45 O  ? J HOH .  ? B HOH 203 ? 1_555 CO ? H CO . ? B CO 103 ? 1_555 O  ? J HOH .  ? B HOH 218 ? 1_555 89.8  ? 
46 O  ? J HOH .  ? B HOH 215 ? 1_555 CO ? H CO . ? B CO 103 ? 1_555 O  ? J HOH .  ? B HOH 218 ? 1_555 87.1  ? 
47 N7 ? B DG  9  ? B DG  9   ? 1_555 CO ? G CO . ? B CO 102 ? 1_555 O  ? J HOH .  ? B HOH 202 ? 1_555 93.8  ? 
48 N7 ? B DG  9  ? B DG  9   ? 1_555 CO ? G CO . ? B CO 102 ? 1_555 O  ? J HOH .  ? B HOH 209 ? 1_555 93.8  ? 
49 O  ? J HOH .  ? B HOH 202 ? 1_555 CO ? G CO . ? B CO 102 ? 1_555 O  ? J HOH .  ? B HOH 209 ? 1_555 87.7  ? 
50 N7 ? B DG  9  ? B DG  9   ? 1_555 CO ? G CO . ? B CO 102 ? 1_555 O  ? J HOH .  ? B HOH 210 ? 1_555 174.5 ? 
51 O  ? J HOH .  ? B HOH 202 ? 1_555 CO ? G CO . ? B CO 102 ? 1_555 O  ? J HOH .  ? B HOH 210 ? 1_555 88.2  ? 
52 O  ? J HOH .  ? B HOH 209 ? 1_555 CO ? G CO . ? B CO 102 ? 1_555 O  ? J HOH .  ? B HOH 210 ? 1_555 91.4  ? 
53 N7 ? B DG  9  ? B DG  9   ? 1_555 CO ? G CO . ? B CO 102 ? 1_555 O  ? J HOH .  ? B HOH 211 ? 1_555 87.4  ? 
54 O  ? J HOH .  ? B HOH 202 ? 1_555 CO ? G CO . ? B CO 102 ? 1_555 O  ? J HOH .  ? B HOH 211 ? 1_555 95.1  ? 
55 O  ? J HOH .  ? B HOH 209 ? 1_555 CO ? G CO . ? B CO 102 ? 1_555 O  ? J HOH .  ? B HOH 211 ? 1_555 176.9 ? 
56 O  ? J HOH .  ? B HOH 210 ? 1_555 CO ? G CO . ? B CO 102 ? 1_555 O  ? J HOH .  ? B HOH 211 ? 1_555 87.3  ? 
57 N7 ? B DG  9  ? B DG  9   ? 1_555 CO ? G CO . ? B CO 102 ? 1_555 O  ? J HOH .  ? B HOH 213 ? 1_555 90.6  ? 
58 O  ? J HOH .  ? B HOH 202 ? 1_555 CO ? G CO . ? B CO 102 ? 1_555 O  ? J HOH .  ? B HOH 213 ? 1_555 174.5 ? 
59 O  ? J HOH .  ? B HOH 209 ? 1_555 CO ? G CO . ? B CO 102 ? 1_555 O  ? J HOH .  ? B HOH 213 ? 1_555 88.7  ? 
60 O  ? J HOH .  ? B HOH 210 ? 1_555 CO ? G CO . ? B CO 102 ? 1_555 O  ? J HOH .  ? B HOH 213 ? 1_555 87.7  ? 
61 O  ? J HOH .  ? B HOH 211 ? 1_555 CO ? G CO . ? B CO 102 ? 1_555 O  ? J HOH .  ? B HOH 213 ? 1_555 88.4  ? 
# 
loop_
_pdbx_audit_revision_history.ordinal 
_pdbx_audit_revision_history.data_content_type 
_pdbx_audit_revision_history.major_revision 
_pdbx_audit_revision_history.minor_revision 
_pdbx_audit_revision_history.revision_date 
1 'Structure model' 1 0 2014-11-12 
2 'Structure model' 1 1 2015-01-14 
3 'Structure model' 1 2 2023-09-20 
# 
_pdbx_audit_revision_details.ordinal             1 
_pdbx_audit_revision_details.revision_ordinal    1 
_pdbx_audit_revision_details.data_content_type   'Structure model' 
_pdbx_audit_revision_details.provider            repository 
_pdbx_audit_revision_details.type                'Initial release' 
_pdbx_audit_revision_details.description         ? 
_pdbx_audit_revision_details.details             ? 
# 
loop_
_pdbx_audit_revision_group.ordinal 
_pdbx_audit_revision_group.revision_ordinal 
_pdbx_audit_revision_group.data_content_type 
_pdbx_audit_revision_group.group 
1 2 'Structure model' 'Database references'    
2 3 'Structure model' 'Data collection'        
3 3 'Structure model' 'Database references'    
4 3 'Structure model' 'Derived calculations'   
5 3 'Structure model' 'Refinement description' 
# 
loop_
_pdbx_audit_revision_category.ordinal 
_pdbx_audit_revision_category.revision_ordinal 
_pdbx_audit_revision_category.data_content_type 
_pdbx_audit_revision_category.category 
1 3 'Structure model' chem_comp_atom                
2 3 'Structure model' chem_comp_bond                
3 3 'Structure model' database_2                    
4 3 'Structure model' pdbx_initial_refinement_model 
5 3 'Structure model' pdbx_struct_conn_angle        
6 3 'Structure model' struct_conn                   
7 3 'Structure model' struct_site                   
# 
loop_
_pdbx_audit_revision_item.ordinal 
_pdbx_audit_revision_item.revision_ordinal 
_pdbx_audit_revision_item.data_content_type 
_pdbx_audit_revision_item.item 
1  3 'Structure model' '_database_2.pdbx_DOI'                        
2  3 'Structure model' '_database_2.pdbx_database_accession'         
3  3 'Structure model' '_pdbx_struct_conn_angle.ptnr1_auth_asym_id'  
4  3 'Structure model' '_pdbx_struct_conn_angle.ptnr1_auth_comp_id'  
5  3 'Structure model' '_pdbx_struct_conn_angle.ptnr1_auth_seq_id'   
6  3 'Structure model' '_pdbx_struct_conn_angle.ptnr1_label_asym_id' 
7  3 'Structure model' '_pdbx_struct_conn_angle.ptnr1_label_atom_id' 
8  3 'Structure model' '_pdbx_struct_conn_angle.ptnr1_label_comp_id' 
9  3 'Structure model' '_pdbx_struct_conn_angle.ptnr1_label_seq_id'  
10 3 'Structure model' '_pdbx_struct_conn_angle.ptnr2_auth_asym_id'  
11 3 'Structure model' '_pdbx_struct_conn_angle.ptnr2_auth_seq_id'   
12 3 'Structure model' '_pdbx_struct_conn_angle.ptnr2_label_asym_id' 
13 3 'Structure model' '_pdbx_struct_conn_angle.ptnr3_auth_asym_id'  
14 3 'Structure model' '_pdbx_struct_conn_angle.ptnr3_auth_comp_id'  
15 3 'Structure model' '_pdbx_struct_conn_angle.ptnr3_auth_seq_id'   
16 3 'Structure model' '_pdbx_struct_conn_angle.ptnr3_label_asym_id' 
17 3 'Structure model' '_pdbx_struct_conn_angle.ptnr3_label_atom_id' 
18 3 'Structure model' '_pdbx_struct_conn_angle.ptnr3_label_comp_id' 
19 3 'Structure model' '_pdbx_struct_conn_angle.ptnr3_label_seq_id'  
20 3 'Structure model' '_pdbx_struct_conn_angle.value'               
21 3 'Structure model' '_struct_conn.pdbx_dist_value'                
22 3 'Structure model' '_struct_conn.ptnr1_auth_asym_id'             
23 3 'Structure model' '_struct_conn.ptnr1_auth_comp_id'             
24 3 'Structure model' '_struct_conn.ptnr1_auth_seq_id'              
25 3 'Structure model' '_struct_conn.ptnr1_label_asym_id'            
26 3 'Structure model' '_struct_conn.ptnr1_label_atom_id'            
27 3 'Structure model' '_struct_conn.ptnr1_label_comp_id'            
28 3 'Structure model' '_struct_conn.ptnr1_label_seq_id'             
29 3 'Structure model' '_struct_conn.ptnr2_auth_asym_id'             
30 3 'Structure model' '_struct_conn.ptnr2_auth_comp_id'             
31 3 'Structure model' '_struct_conn.ptnr2_auth_seq_id'              
32 3 'Structure model' '_struct_conn.ptnr2_label_asym_id'            
33 3 'Structure model' '_struct_conn.ptnr2_label_atom_id'            
34 3 'Structure model' '_struct_conn.ptnr2_label_comp_id'            
35 3 'Structure model' '_struct_site.pdbx_auth_asym_id'              
36 3 'Structure model' '_struct_site.pdbx_auth_comp_id'              
37 3 'Structure model' '_struct_site.pdbx_auth_seq_id'               
# 
loop_
_software.name 
_software.classification 
_software.version 
_software.citation_id 
_software.pdbx_ordinal 
DNA    'data collection' .        ? 1 
PHASER phasing           .        ? 2 
REFMAC refinement        5.8.0049 ? 3 
XDS    'data reduction'  .        ? 4 
d*TREK 'data scaling'    .        ? 5 
# 
loop_
_chem_comp_atom.comp_id 
_chem_comp_atom.atom_id 
_chem_comp_atom.type_symbol 
_chem_comp_atom.pdbx_aromatic_flag 
_chem_comp_atom.pdbx_stereo_config 
_chem_comp_atom.pdbx_ordinal 
CO  CO     CO N N 1   
DA  OP3    O  N N 2   
DA  P      P  N N 3   
DA  OP1    O  N N 4   
DA  OP2    O  N N 5   
DA  "O5'"  O  N N 6   
DA  "C5'"  C  N N 7   
DA  "C4'"  C  N R 8   
DA  "O4'"  O  N N 9   
DA  "C3'"  C  N S 10  
DA  "O3'"  O  N N 11  
DA  "C2'"  C  N N 12  
DA  "C1'"  C  N R 13  
DA  N9     N  Y N 14  
DA  C8     C  Y N 15  
DA  N7     N  Y N 16  
DA  C5     C  Y N 17  
DA  C6     C  Y N 18  
DA  N6     N  N N 19  
DA  N1     N  Y N 20  
DA  C2     C  Y N 21  
DA  N3     N  Y N 22  
DA  C4     C  Y N 23  
DA  HOP3   H  N N 24  
DA  HOP2   H  N N 25  
DA  "H5'"  H  N N 26  
DA  "H5''" H  N N 27  
DA  "H4'"  H  N N 28  
DA  "H3'"  H  N N 29  
DA  "HO3'" H  N N 30  
DA  "H2'"  H  N N 31  
DA  "H2''" H  N N 32  
DA  "H1'"  H  N N 33  
DA  H8     H  N N 34  
DA  H61    H  N N 35  
DA  H62    H  N N 36  
DA  H2     H  N N 37  
DC  OP3    O  N N 38  
DC  P      P  N N 39  
DC  OP1    O  N N 40  
DC  OP2    O  N N 41  
DC  "O5'"  O  N N 42  
DC  "C5'"  C  N N 43  
DC  "C4'"  C  N R 44  
DC  "O4'"  O  N N 45  
DC  "C3'"  C  N S 46  
DC  "O3'"  O  N N 47  
DC  "C2'"  C  N N 48  
DC  "C1'"  C  N R 49  
DC  N1     N  N N 50  
DC  C2     C  N N 51  
DC  O2     O  N N 52  
DC  N3     N  N N 53  
DC  C4     C  N N 54  
DC  N4     N  N N 55  
DC  C5     C  N N 56  
DC  C6     C  N N 57  
DC  HOP3   H  N N 58  
DC  HOP2   H  N N 59  
DC  "H5'"  H  N N 60  
DC  "H5''" H  N N 61  
DC  "H4'"  H  N N 62  
DC  "H3'"  H  N N 63  
DC  "HO3'" H  N N 64  
DC  "H2'"  H  N N 65  
DC  "H2''" H  N N 66  
DC  "H1'"  H  N N 67  
DC  H41    H  N N 68  
DC  H42    H  N N 69  
DC  H5     H  N N 70  
DC  H6     H  N N 71  
DG  OP3    O  N N 72  
DG  P      P  N N 73  
DG  OP1    O  N N 74  
DG  OP2    O  N N 75  
DG  "O5'"  O  N N 76  
DG  "C5'"  C  N N 77  
DG  "C4'"  C  N R 78  
DG  "O4'"  O  N N 79  
DG  "C3'"  C  N S 80  
DG  "O3'"  O  N N 81  
DG  "C2'"  C  N N 82  
DG  "C1'"  C  N R 83  
DG  N9     N  Y N 84  
DG  C8     C  Y N 85  
DG  N7     N  Y N 86  
DG  C5     C  Y N 87  
DG  C6     C  N N 88  
DG  O6     O  N N 89  
DG  N1     N  N N 90  
DG  C2     C  N N 91  
DG  N2     N  N N 92  
DG  N3     N  N N 93  
DG  C4     C  Y N 94  
DG  HOP3   H  N N 95  
DG  HOP2   H  N N 96  
DG  "H5'"  H  N N 97  
DG  "H5''" H  N N 98  
DG  "H4'"  H  N N 99  
DG  "H3'"  H  N N 100 
DG  "HO3'" H  N N 101 
DG  "H2'"  H  N N 102 
DG  "H2''" H  N N 103 
DG  "H1'"  H  N N 104 
DG  H8     H  N N 105 
DG  H1     H  N N 106 
DG  H21    H  N N 107 
DG  H22    H  N N 108 
DT  OP3    O  N N 109 
DT  P      P  N N 110 
DT  OP1    O  N N 111 
DT  OP2    O  N N 112 
DT  "O5'"  O  N N 113 
DT  "C5'"  C  N N 114 
DT  "C4'"  C  N R 115 
DT  "O4'"  O  N N 116 
DT  "C3'"  C  N S 117 
DT  "O3'"  O  N N 118 
DT  "C2'"  C  N N 119 
DT  "C1'"  C  N R 120 
DT  N1     N  N N 121 
DT  C2     C  N N 122 
DT  O2     O  N N 123 
DT  N3     N  N N 124 
DT  C4     C  N N 125 
DT  O4     O  N N 126 
DT  C5     C  N N 127 
DT  C7     C  N N 128 
DT  C6     C  N N 129 
DT  HOP3   H  N N 130 
DT  HOP2   H  N N 131 
DT  "H5'"  H  N N 132 
DT  "H5''" H  N N 133 
DT  "H4'"  H  N N 134 
DT  "H3'"  H  N N 135 
DT  "HO3'" H  N N 136 
DT  "H2'"  H  N N 137 
DT  "H2''" H  N N 138 
DT  "H1'"  H  N N 139 
DT  H3     H  N N 140 
DT  H71    H  N N 141 
DT  H72    H  N N 142 
DT  H73    H  N N 143 
DT  H6     H  N N 144 
HOH O      O  N N 145 
HOH H1     H  N N 146 
HOH H2     H  N N 147 
SPM N1     N  N N 148 
SPM C2     C  N N 149 
SPM C3     C  N N 150 
SPM C4     C  N N 151 
SPM N5     N  N N 152 
SPM C6     C  N N 153 
SPM C7     C  N N 154 
SPM C8     C  N N 155 
SPM C9     C  N N 156 
SPM N10    N  N N 157 
SPM C11    C  N N 158 
SPM C12    C  N N 159 
SPM C13    C  N N 160 
SPM N14    N  N N 161 
SPM HN11   H  N N 162 
SPM HN12   H  N N 163 
SPM H21    H  N N 164 
SPM H22    H  N N 165 
SPM H31    H  N N 166 
SPM H32    H  N N 167 
SPM H41    H  N N 168 
SPM H42    H  N N 169 
SPM HN5    H  N N 170 
SPM H61    H  N N 171 
SPM H62    H  N N 172 
SPM H71    H  N N 173 
SPM H72    H  N N 174 
SPM H81    H  N N 175 
SPM H82    H  N N 176 
SPM H91    H  N N 177 
SPM H92    H  N N 178 
SPM HN0    H  N N 179 
SPM H111   H  N N 180 
SPM H112   H  N N 181 
SPM H121   H  N N 182 
SPM H122   H  N N 183 
SPM H131   H  N N 184 
SPM H132   H  N N 185 
SPM HN41   H  N N 186 
SPM HN42   H  N N 187 
# 
loop_
_chem_comp_bond.comp_id 
_chem_comp_bond.atom_id_1 
_chem_comp_bond.atom_id_2 
_chem_comp_bond.value_order 
_chem_comp_bond.pdbx_aromatic_flag 
_chem_comp_bond.pdbx_stereo_config 
_chem_comp_bond.pdbx_ordinal 
DA  OP3   P      sing N N 1   
DA  OP3   HOP3   sing N N 2   
DA  P     OP1    doub N N 3   
DA  P     OP2    sing N N 4   
DA  P     "O5'"  sing N N 5   
DA  OP2   HOP2   sing N N 6   
DA  "O5'" "C5'"  sing N N 7   
DA  "C5'" "C4'"  sing N N 8   
DA  "C5'" "H5'"  sing N N 9   
DA  "C5'" "H5''" sing N N 10  
DA  "C4'" "O4'"  sing N N 11  
DA  "C4'" "C3'"  sing N N 12  
DA  "C4'" "H4'"  sing N N 13  
DA  "O4'" "C1'"  sing N N 14  
DA  "C3'" "O3'"  sing N N 15  
DA  "C3'" "C2'"  sing N N 16  
DA  "C3'" "H3'"  sing N N 17  
DA  "O3'" "HO3'" sing N N 18  
DA  "C2'" "C1'"  sing N N 19  
DA  "C2'" "H2'"  sing N N 20  
DA  "C2'" "H2''" sing N N 21  
DA  "C1'" N9     sing N N 22  
DA  "C1'" "H1'"  sing N N 23  
DA  N9    C8     sing Y N 24  
DA  N9    C4     sing Y N 25  
DA  C8    N7     doub Y N 26  
DA  C8    H8     sing N N 27  
DA  N7    C5     sing Y N 28  
DA  C5    C6     sing Y N 29  
DA  C5    C4     doub Y N 30  
DA  C6    N6     sing N N 31  
DA  C6    N1     doub Y N 32  
DA  N6    H61    sing N N 33  
DA  N6    H62    sing N N 34  
DA  N1    C2     sing Y N 35  
DA  C2    N3     doub Y N 36  
DA  C2    H2     sing N N 37  
DA  N3    C4     sing Y N 38  
DC  OP3   P      sing N N 39  
DC  OP3   HOP3   sing N N 40  
DC  P     OP1    doub N N 41  
DC  P     OP2    sing N N 42  
DC  P     "O5'"  sing N N 43  
DC  OP2   HOP2   sing N N 44  
DC  "O5'" "C5'"  sing N N 45  
DC  "C5'" "C4'"  sing N N 46  
DC  "C5'" "H5'"  sing N N 47  
DC  "C5'" "H5''" sing N N 48  
DC  "C4'" "O4'"  sing N N 49  
DC  "C4'" "C3'"  sing N N 50  
DC  "C4'" "H4'"  sing N N 51  
DC  "O4'" "C1'"  sing N N 52  
DC  "C3'" "O3'"  sing N N 53  
DC  "C3'" "C2'"  sing N N 54  
DC  "C3'" "H3'"  sing N N 55  
DC  "O3'" "HO3'" sing N N 56  
DC  "C2'" "C1'"  sing N N 57  
DC  "C2'" "H2'"  sing N N 58  
DC  "C2'" "H2''" sing N N 59  
DC  "C1'" N1     sing N N 60  
DC  "C1'" "H1'"  sing N N 61  
DC  N1    C2     sing N N 62  
DC  N1    C6     sing N N 63  
DC  C2    O2     doub N N 64  
DC  C2    N3     sing N N 65  
DC  N3    C4     doub N N 66  
DC  C4    N4     sing N N 67  
DC  C4    C5     sing N N 68  
DC  N4    H41    sing N N 69  
DC  N4    H42    sing N N 70  
DC  C5    C6     doub N N 71  
DC  C5    H5     sing N N 72  
DC  C6    H6     sing N N 73  
DG  OP3   P      sing N N 74  
DG  OP3   HOP3   sing N N 75  
DG  P     OP1    doub N N 76  
DG  P     OP2    sing N N 77  
DG  P     "O5'"  sing N N 78  
DG  OP2   HOP2   sing N N 79  
DG  "O5'" "C5'"  sing N N 80  
DG  "C5'" "C4'"  sing N N 81  
DG  "C5'" "H5'"  sing N N 82  
DG  "C5'" "H5''" sing N N 83  
DG  "C4'" "O4'"  sing N N 84  
DG  "C4'" "C3'"  sing N N 85  
DG  "C4'" "H4'"  sing N N 86  
DG  "O4'" "C1'"  sing N N 87  
DG  "C3'" "O3'"  sing N N 88  
DG  "C3'" "C2'"  sing N N 89  
DG  "C3'" "H3'"  sing N N 90  
DG  "O3'" "HO3'" sing N N 91  
DG  "C2'" "C1'"  sing N N 92  
DG  "C2'" "H2'"  sing N N 93  
DG  "C2'" "H2''" sing N N 94  
DG  "C1'" N9     sing N N 95  
DG  "C1'" "H1'"  sing N N 96  
DG  N9    C8     sing Y N 97  
DG  N9    C4     sing Y N 98  
DG  C8    N7     doub Y N 99  
DG  C8    H8     sing N N 100 
DG  N7    C5     sing Y N 101 
DG  C5    C6     sing N N 102 
DG  C5    C4     doub Y N 103 
DG  C6    O6     doub N N 104 
DG  C6    N1     sing N N 105 
DG  N1    C2     sing N N 106 
DG  N1    H1     sing N N 107 
DG  C2    N2     sing N N 108 
DG  C2    N3     doub N N 109 
DG  N2    H21    sing N N 110 
DG  N2    H22    sing N N 111 
DG  N3    C4     sing N N 112 
DT  OP3   P      sing N N 113 
DT  OP3   HOP3   sing N N 114 
DT  P     OP1    doub N N 115 
DT  P     OP2    sing N N 116 
DT  P     "O5'"  sing N N 117 
DT  OP2   HOP2   sing N N 118 
DT  "O5'" "C5'"  sing N N 119 
DT  "C5'" "C4'"  sing N N 120 
DT  "C5'" "H5'"  sing N N 121 
DT  "C5'" "H5''" sing N N 122 
DT  "C4'" "O4'"  sing N N 123 
DT  "C4'" "C3'"  sing N N 124 
DT  "C4'" "H4'"  sing N N 125 
DT  "O4'" "C1'"  sing N N 126 
DT  "C3'" "O3'"  sing N N 127 
DT  "C3'" "C2'"  sing N N 128 
DT  "C3'" "H3'"  sing N N 129 
DT  "O3'" "HO3'" sing N N 130 
DT  "C2'" "C1'"  sing N N 131 
DT  "C2'" "H2'"  sing N N 132 
DT  "C2'" "H2''" sing N N 133 
DT  "C1'" N1     sing N N 134 
DT  "C1'" "H1'"  sing N N 135 
DT  N1    C2     sing N N 136 
DT  N1    C6     sing N N 137 
DT  C2    O2     doub N N 138 
DT  C2    N3     sing N N 139 
DT  N3    C4     sing N N 140 
DT  N3    H3     sing N N 141 
DT  C4    O4     doub N N 142 
DT  C4    C5     sing N N 143 
DT  C5    C7     sing N N 144 
DT  C5    C6     doub N N 145 
DT  C7    H71    sing N N 146 
DT  C7    H72    sing N N 147 
DT  C7    H73    sing N N 148 
DT  C6    H6     sing N N 149 
HOH O     H1     sing N N 150 
HOH O     H2     sing N N 151 
SPM N1    C2     sing N N 152 
SPM N1    HN11   sing N N 153 
SPM N1    HN12   sing N N 154 
SPM C2    C3     sing N N 155 
SPM C2    H21    sing N N 156 
SPM C2    H22    sing N N 157 
SPM C3    C4     sing N N 158 
SPM C3    H31    sing N N 159 
SPM C3    H32    sing N N 160 
SPM C4    N5     sing N N 161 
SPM C4    H41    sing N N 162 
SPM C4    H42    sing N N 163 
SPM N5    C6     sing N N 164 
SPM N5    HN5    sing N N 165 
SPM C6    C7     sing N N 166 
SPM C6    H61    sing N N 167 
SPM C6    H62    sing N N 168 
SPM C7    C8     sing N N 169 
SPM C7    H71    sing N N 170 
SPM C7    H72    sing N N 171 
SPM C8    C9     sing N N 172 
SPM C8    H81    sing N N 173 
SPM C8    H82    sing N N 174 
SPM C9    N10    sing N N 175 
SPM C9    H91    sing N N 176 
SPM C9    H92    sing N N 177 
SPM N10   C11    sing N N 178 
SPM N10   HN0    sing N N 179 
SPM C11   C12    sing N N 180 
SPM C11   H111   sing N N 181 
SPM C11   H112   sing N N 182 
SPM C12   C13    sing N N 183 
SPM C12   H121   sing N N 184 
SPM C12   H122   sing N N 185 
SPM C13   N14    sing N N 186 
SPM C13   H131   sing N N 187 
SPM C13   H132   sing N N 188 
SPM N14   HN41   sing N N 189 
SPM N14   HN42   sing N N 190 
# 
loop_
_ndb_struct_conf_na.entry_id 
_ndb_struct_conf_na.feature 
4R4A 'double helix'        
4R4A 'b-form double helix' 
# 
loop_
_ndb_struct_na_base_pair.model_number 
_ndb_struct_na_base_pair.i_label_asym_id 
_ndb_struct_na_base_pair.i_label_comp_id 
_ndb_struct_na_base_pair.i_label_seq_id 
_ndb_struct_na_base_pair.i_symmetry 
_ndb_struct_na_base_pair.j_label_asym_id 
_ndb_struct_na_base_pair.j_label_comp_id 
_ndb_struct_na_base_pair.j_label_seq_id 
_ndb_struct_na_base_pair.j_symmetry 
_ndb_struct_na_base_pair.shear 
_ndb_struct_na_base_pair.stretch 
_ndb_struct_na_base_pair.stagger 
_ndb_struct_na_base_pair.buckle 
_ndb_struct_na_base_pair.propeller 
_ndb_struct_na_base_pair.opening 
_ndb_struct_na_base_pair.pair_number 
_ndb_struct_na_base_pair.pair_name 
_ndb_struct_na_base_pair.i_auth_asym_id 
_ndb_struct_na_base_pair.i_auth_seq_id 
_ndb_struct_na_base_pair.i_PDB_ins_code 
_ndb_struct_na_base_pair.j_auth_asym_id 
_ndb_struct_na_base_pair.j_auth_seq_id 
_ndb_struct_na_base_pair.j_PDB_ins_code 
_ndb_struct_na_base_pair.hbond_type_28 
_ndb_struct_na_base_pair.hbond_type_12 
1 A DC 1  1_555 B DG 10 1_555 0.143  -0.148 0.132  2.571   -21.485 -2.414 1  A_DC1:DG10_B A 1  ? B 10 ? 19 1 
1 A DC 2  1_555 B DG 9  1_555 0.177  -0.130 0.504  -16.554 -11.376 -1.354 2  A_DC2:DG9_B  A 2  ? B 9  ? 19 1 
1 A DG 3  1_555 B DC 8  1_555 -0.205 -0.115 0.414  11.489  -8.754  -0.411 3  A_DG3:DC8_B  A 3  ? B 8  ? 19 1 
1 A DG 4  1_555 B DC 7  1_555 -0.230 -0.161 0.217  7.305   -17.693 -0.431 4  A_DG4:DC7_B  A 4  ? B 7  ? 19 1 
1 A DT 5  1_555 B DA 6  1_555 -0.051 -0.135 0.027  -5.039  -14.877 0.546  5  A_DT5:DA6_B  A 5  ? B 6  ? 20 1 
1 A DA 6  1_555 B DT 5  1_555 0.020  -0.125 -0.031 -7.384  -7.044  4.245  6  A_DA6:DT5_B  A 6  ? B 5  ? 20 1 
1 A DC 7  1_555 B DG 4  1_555 0.194  -0.149 0.018  -0.474  -8.824  0.202  7  A_DC7:DG4_B  A 7  ? B 4  ? 19 1 
1 A DC 8  1_555 B DG 3  1_555 0.124  -0.106 0.047  -5.692  -6.296  -0.522 8  A_DC8:DG3_B  A 8  ? B 3  ? 19 1 
1 A DG 9  1_555 B DC 2  1_555 -0.230 -0.148 0.114  6.331   -14.079 -0.437 9  A_DG9:DC2_B  A 9  ? B 2  ? 19 1 
1 A DG 10 1_555 B DC 1  1_555 -0.122 -0.072 0.167  12.965  -10.478 1.342  10 A_DG10:DC1_B A 10 ? B 1  ? 19 1 
# 
loop_
_ndb_struct_na_base_pair_step.model_number 
_ndb_struct_na_base_pair_step.i_label_asym_id_1 
_ndb_struct_na_base_pair_step.i_label_comp_id_1 
_ndb_struct_na_base_pair_step.i_label_seq_id_1 
_ndb_struct_na_base_pair_step.i_symmetry_1 
_ndb_struct_na_base_pair_step.j_label_asym_id_1 
_ndb_struct_na_base_pair_step.j_label_comp_id_1 
_ndb_struct_na_base_pair_step.j_label_seq_id_1 
_ndb_struct_na_base_pair_step.j_symmetry_1 
_ndb_struct_na_base_pair_step.i_label_asym_id_2 
_ndb_struct_na_base_pair_step.i_label_comp_id_2 
_ndb_struct_na_base_pair_step.i_label_seq_id_2 
_ndb_struct_na_base_pair_step.i_symmetry_2 
_ndb_struct_na_base_pair_step.j_label_asym_id_2 
_ndb_struct_na_base_pair_step.j_label_comp_id_2 
_ndb_struct_na_base_pair_step.j_label_seq_id_2 
_ndb_struct_na_base_pair_step.j_symmetry_2 
_ndb_struct_na_base_pair_step.shift 
_ndb_struct_na_base_pair_step.slide 
_ndb_struct_na_base_pair_step.rise 
_ndb_struct_na_base_pair_step.tilt 
_ndb_struct_na_base_pair_step.roll 
_ndb_struct_na_base_pair_step.twist 
_ndb_struct_na_base_pair_step.x_displacement 
_ndb_struct_na_base_pair_step.y_displacement 
_ndb_struct_na_base_pair_step.helical_rise 
_ndb_struct_na_base_pair_step.inclination 
_ndb_struct_na_base_pair_step.tip 
_ndb_struct_na_base_pair_step.helical_twist 
_ndb_struct_na_base_pair_step.step_number 
_ndb_struct_na_base_pair_step.step_name 
_ndb_struct_na_base_pair_step.i_auth_asym_id_1 
_ndb_struct_na_base_pair_step.i_auth_seq_id_1 
_ndb_struct_na_base_pair_step.i_PDB_ins_code_1 
_ndb_struct_na_base_pair_step.j_auth_asym_id_1 
_ndb_struct_na_base_pair_step.j_auth_seq_id_1 
_ndb_struct_na_base_pair_step.j_PDB_ins_code_1 
_ndb_struct_na_base_pair_step.i_auth_asym_id_2 
_ndb_struct_na_base_pair_step.i_auth_seq_id_2 
_ndb_struct_na_base_pair_step.i_PDB_ins_code_2 
_ndb_struct_na_base_pair_step.j_auth_asym_id_2 
_ndb_struct_na_base_pair_step.j_auth_seq_id_2 
_ndb_struct_na_base_pair_step.j_PDB_ins_code_2 
1 A DC 1 1_555 B DG 10 1_555 A DC 2  1_555 B DG 9 1_555 0.459  -0.624 3.617 2.815  8.380  42.776 -1.720 -0.322 3.463 11.344 -3.811 
43.638 1 AA_DC1DC2:DG9DG10_BB A 1 ? B 10 ? A 2  ? B 9 ? 
1 A DC 2 1_555 B DG 9  1_555 A DG 3  1_555 B DC 8 1_555 -0.100 0.786  2.924 0.861  1.926  30.484 1.147  0.343  2.962 3.657  -1.635 
30.555 2 AA_DC2DG3:DC8DG9_BB  A 2 ? B 9  ? A 3  ? B 8 ? 
1 A DG 3 1_555 B DC 8  1_555 A DG 4  1_555 B DC 7 1_555 -0.474 -0.480 3.380 -4.408 7.751  34.393 -1.953 0.114  3.234 12.843 7.303  
35.496 3 AA_DG3DG4:DC7DC8_BB  A 3 ? B 8  ? A 4  ? B 7 ? 
1 A DG 4 1_555 B DC 7  1_555 A DT 5  1_555 B DA 6 1_555 0.589  -0.414 3.531 2.867  -2.096 38.364 -0.345 -0.505 3.581 -3.182 -4.352 
38.522 4 AA_DG4DT5:DA6DC7_BB  A 4 ? B 7  ? A 5  ? B 6 ? 
1 A DT 5 1_555 B DA 6  1_555 A DA 6  1_555 B DT 5 1_555 -0.174 -0.049 3.352 -0.356 5.602  34.974 -0.925 0.233  3.306 9.248  0.588  
35.407 5 AA_DT5DA6:DT5DA6_BB  A 5 ? B 6  ? A 6  ? B 5 ? 
1 A DA 6 1_555 B DT 5  1_555 A DC 7  1_555 B DG 4 1_555 0.288  -0.251 3.129 -0.232 2.775  29.756 -1.036 -0.605 3.091 5.388  0.450  
29.883 6 AA_DA6DC7:DG4DT5_BB  A 6 ? B 5  ? A 7  ? B 4 ? 
1 A DC 7 1_555 B DG 4  1_555 A DC 8  1_555 B DG 3 1_555 0.008  -0.264 3.394 2.220  6.739  35.309 -1.417 0.312  3.285 10.974 -3.615 
35.992 7 AA_DC7DC8:DG3DG4_BB  A 7 ? B 4  ? A 8  ? B 3 ? 
1 A DC 8 1_555 B DG 3  1_555 A DG 9  1_555 B DC 2 1_555 -1.122 2.391  3.205 -2.037 2.302  34.449 3.663  1.569  3.411 3.877  3.431  
34.582 8 AA_DC8DG9:DC2DG3_BB  A 8 ? B 3  ? A 9  ? B 2 ? 
1 A DG 9 1_555 B DC 2  1_555 A DG 10 1_555 B DC 1 1_555 0.902  0.736  3.115 -1.584 10.112 31.317 -0.396 -1.858 3.147 18.136 2.841  
32.908 9 AA_DG9DG10:DC1DC2_BB A 9 ? B 2  ? A 10 ? B 1 ? 
# 
loop_
_pdbx_entity_nonpoly.entity_id 
_pdbx_entity_nonpoly.name 
_pdbx_entity_nonpoly.comp_id 
2 'COBALT (II) ION' CO  
3 SPERMINE          SPM 
4 water             HOH 
# 
_pdbx_initial_refinement_model.id               1 
_pdbx_initial_refinement_model.entity_id_list   ? 
_pdbx_initial_refinement_model.type             'experimental model' 
_pdbx_initial_refinement_model.source_name      PDB 
_pdbx_initial_refinement_model.accession_code   3R86 
_pdbx_initial_refinement_model.details          'PDB ENTRY 3R86' 
# 
